data_7SEL
#
_entry.id   7SEL
#
_cell.length_a   74.446
_cell.length_b   91.990
_cell.length_c   110.655
_cell.angle_alpha   90.00
_cell.angle_beta   90.31
_cell.angle_gamma   90.00
#
_symmetry.space_group_name_H-M   'P 1 21 1'
#
loop_
_entity.id
_entity.type
_entity.pdbx_description
1 polymer 'ATP-dependent lipid A-core flippase'
2 non-polymer '(2E)-3-{7-[(1S)-1-(2,6-dichloro-3-fluorophenyl)ethoxy]-1-methylnaphthalen-2-yl}prop-2-enoic acid'
3 non-polymer '(2~{R},4~{R},5~{R},6~{R})-6-[(1~{R})-1,2-bis(oxidanyl)ethyl]-2-[(2~{R},4~{R},5~{R},6~{R})-6-[(1~{R})-1,2-bis(oxidanyl)ethyl]-2-carboxy-2-[[(2~{R},3~{S},4~{R},5~{R},6~{R})-5-[[(3~{R})-3-dodecanoyloxytetradecanoyl]amino]-6-[[(2~{R},3~{S},4~{R},5~{R},6~{R})-3-oxidanyl-5-[[(3~{R})-3-oxidanyltetradecanoyl]amino]-4-[(3~{R})-3-oxidanyltetradecanoyl]oxy-6-phosphonooxy-oxan-2-yl]methoxy]-3-phosphonooxy-4-[(3~{R})-3-tetradecanoyloxytetradecanoyl]oxy-oxan-2-yl]methoxy]-5-oxidanyl-oxan-4-yl]oxy-4,5-bis(oxidanyl)oxane-2-carboxylic acid'
#
_entity_poly.entity_id   1
_entity_poly.type   'polypeptide(L)'
_entity_poly.pdbx_seq_one_letter_code
;MDYKDDDDKGENLYFQGSHNDKDLSTWQTFRRLWPTIAPFKAGLIVAGVALILNAASDTFMLSLLKPLLDDGFGKTDRSV
LVWMPLVVIGLMILRGITSYVSSYCISWVSGKVVMTMRRRLFGHMMGMPVSFFDKQSTGTLLSRITYDSEQVASSSSGAL
ITVVREGASIIGLFIMMFYYSWQLSIILIVLAPIVSIAIRVVSKRFRNISKNMQNTMGQVTTSAEQMLKGHKEVLIFGGQ
EVETKRFDKVSNRMRLQGMKMVSASSISDPIIQLIASLALAFVLYAASFPSVMDSLTAGTITVVFSSMIALMRPLKSLTN
VNAQFQRGMAACQTLFTILDSEQEKDEGKRVIERATGDVEFRNVTFTYPGRDVPALRNINLKIPAGKTVALVGRSGSGKS
TIASLITRFYDIDEGEILMDGHDLREYTLASLRNQVALVSQNVHLFNDTVANNIAYARTEQYSREQIEEAARMAYAMDFI
NKMDNGLDTVIGENGVLLSGGQRQRIAIARALLRDSPILILDEATSALDTESERAIQAALDELQKNRTSLVIAHRLSTIE
KADEIVVVEDGVIVERGTHNDLLEHRGVYAQLHKMQFGQ
;
_entity_poly.pdbx_strand_id   A,B
#
# COMPACT_ATOMS: atom_id res chain seq x y z
N ASP A 21 11.46 27.07 -11.45
CA ASP A 21 11.94 26.28 -10.32
C ASP A 21 11.92 24.80 -10.64
N LYS A 22 10.73 24.30 -10.96
CA LYS A 22 10.55 22.86 -11.03
C LYS A 22 11.11 22.25 -12.30
N ASP A 23 11.12 22.98 -13.41
CA ASP A 23 11.87 22.49 -14.57
C ASP A 23 13.33 22.25 -14.17
N LEU A 24 13.91 23.20 -13.42
CA LEU A 24 15.30 23.08 -13.01
C LEU A 24 15.51 21.92 -12.04
N SER A 25 14.65 21.82 -11.03
CA SER A 25 14.76 20.73 -10.07
C SER A 25 14.65 19.40 -10.78
N THR A 26 13.63 19.23 -11.63
CA THR A 26 13.42 17.98 -12.32
C THR A 26 14.58 17.67 -13.26
N TRP A 27 15.17 18.69 -13.90
CA TRP A 27 16.24 18.41 -14.86
C TRP A 27 17.54 18.02 -14.15
N GLN A 28 17.84 18.65 -13.01
CA GLN A 28 19.02 18.21 -12.25
C GLN A 28 18.80 16.80 -11.69
N THR A 29 17.58 16.51 -11.20
CA THR A 29 17.25 15.15 -10.79
C THR A 29 17.46 14.17 -11.94
N PHE A 30 17.06 14.55 -13.16
CA PHE A 30 17.21 13.65 -14.29
C PHE A 30 18.68 13.40 -14.59
N ARG A 31 19.48 14.46 -14.61
CA ARG A 31 20.91 14.27 -14.82
C ARG A 31 21.53 13.41 -13.73
N ARG A 32 20.92 13.37 -12.54
CA ARG A 32 21.32 12.38 -11.54
C ARG A 32 20.98 10.97 -11.99
N LEU A 33 19.80 10.79 -12.61
CA LEU A 33 19.38 9.43 -12.96
C LEU A 33 20.06 8.90 -14.23
N TRP A 34 20.50 9.78 -15.14
CA TRP A 34 21.03 9.32 -16.42
C TRP A 34 22.18 8.33 -16.28
N PRO A 35 23.05 8.43 -15.28
CA PRO A 35 24.03 7.35 -15.07
C PRO A 35 23.41 5.97 -15.02
N THR A 36 22.28 5.82 -14.31
CA THR A 36 21.62 4.52 -14.20
C THR A 36 21.08 4.03 -15.53
N ILE A 37 20.84 4.95 -16.49
CA ILE A 37 20.12 4.61 -17.72
C ILE A 37 21.10 4.37 -18.84
N ALA A 38 22.22 5.10 -18.83
CA ALA A 38 23.10 5.09 -19.98
C ALA A 38 23.60 3.68 -20.38
N PRO A 39 23.76 2.73 -19.44
CA PRO A 39 24.14 1.37 -19.91
C PRO A 39 23.15 0.75 -20.88
N PHE A 40 21.87 1.11 -20.82
CA PHE A 40 20.83 0.61 -21.71
C PHE A 40 20.50 1.61 -22.83
N LYS A 41 21.45 2.48 -23.14
CA LYS A 41 21.26 3.48 -24.18
C LYS A 41 21.02 2.84 -25.54
N ALA A 42 21.59 1.66 -25.78
CA ALA A 42 21.35 0.97 -27.04
C ALA A 42 19.87 0.65 -27.22
N GLY A 43 19.27 0.06 -26.19
CA GLY A 43 17.83 -0.19 -26.23
C GLY A 43 17.06 1.08 -26.50
N LEU A 44 17.43 2.17 -25.82
CA LEU A 44 16.76 3.44 -26.07
C LEU A 44 16.83 3.85 -27.54
N ILE A 45 18.04 3.87 -28.09
CA ILE A 45 18.26 4.27 -29.49
C ILE A 45 17.37 3.46 -30.43
N VAL A 46 17.37 2.14 -30.25
CA VAL A 46 16.59 1.27 -31.12
C VAL A 46 15.10 1.62 -31.01
N ALA A 47 14.59 1.70 -29.79
CA ALA A 47 13.18 2.06 -29.61
C ALA A 47 12.86 3.35 -30.35
N GLY A 48 13.76 4.33 -30.28
CA GLY A 48 13.49 5.61 -30.91
C GLY A 48 13.38 5.51 -32.42
N VAL A 49 14.30 4.79 -33.05
CA VAL A 49 14.21 4.65 -34.51
C VAL A 49 12.91 3.94 -34.87
N ALA A 50 12.54 2.92 -34.09
CA ALA A 50 11.29 2.22 -34.38
C ALA A 50 10.11 3.18 -34.30
N LEU A 51 10.09 4.06 -33.29
CA LEU A 51 9.03 5.05 -33.18
C LEU A 51 9.00 5.96 -34.39
N ILE A 52 10.17 6.36 -34.89
CA ILE A 52 10.23 7.20 -36.08
C ILE A 52 9.52 6.51 -37.24
N LEU A 53 9.93 5.27 -37.53
CA LEU A 53 9.29 4.53 -38.63
C LEU A 53 7.80 4.32 -38.36
N ASN A 54 7.42 4.22 -37.09
CA ASN A 54 6.01 4.07 -36.75
C ASN A 54 5.21 5.30 -37.16
N ALA A 55 5.71 6.48 -36.82
CA ALA A 55 5.04 7.71 -37.22
C ALA A 55 5.02 7.88 -38.74
N ALA A 56 6.08 7.42 -39.41
CA ALA A 56 6.12 7.52 -40.87
C ALA A 56 5.11 6.59 -41.51
N SER A 57 4.82 5.45 -40.90
CA SER A 57 3.73 4.60 -41.40
C SER A 57 2.44 5.40 -41.53
N ASP A 58 2.10 6.14 -40.48
CA ASP A 58 0.86 6.92 -40.49
C ASP A 58 0.94 8.05 -41.51
N THR A 59 2.06 8.77 -41.54
CA THR A 59 2.21 9.86 -42.49
C THR A 59 2.05 9.35 -43.92
N PHE A 60 2.83 8.33 -44.29
CA PHE A 60 2.77 7.77 -45.63
C PHE A 60 1.43 7.12 -45.93
N MET A 61 0.66 6.73 -44.91
CA MET A 61 -0.65 6.18 -45.22
C MET A 61 -1.66 7.29 -45.50
N LEU A 62 -1.58 8.41 -44.78
CA LEU A 62 -2.47 9.53 -45.11
C LEU A 62 -2.14 10.10 -46.48
N SER A 63 -0.87 10.10 -46.87
CA SER A 63 -0.55 10.51 -48.25
C SER A 63 -1.29 9.65 -49.27
N LEU A 64 -1.52 8.37 -48.97
CA LEU A 64 -2.14 7.47 -49.95
C LEU A 64 -3.52 7.94 -50.40
N LEU A 65 -4.11 8.94 -49.77
CA LEU A 65 -5.44 9.39 -50.18
C LEU A 65 -5.39 10.21 -51.48
N LYS A 66 -4.28 10.91 -51.73
CA LYS A 66 -4.20 11.72 -52.95
C LYS A 66 -4.29 10.86 -54.22
N PRO A 67 -3.41 9.89 -54.45
CA PRO A 67 -3.50 9.09 -55.67
C PRO A 67 -4.79 8.30 -55.78
N LEU A 68 -5.44 8.00 -54.65
CA LEU A 68 -6.69 7.25 -54.67
C LEU A 68 -7.81 8.10 -55.27
N LEU A 69 -7.98 9.32 -54.78
CA LEU A 69 -9.06 10.17 -55.25
C LEU A 69 -8.75 10.76 -56.62
N ASP A 70 -7.50 11.17 -56.86
CA ASP A 70 -7.21 11.85 -58.12
C ASP A 70 -7.05 10.86 -59.26
N ASP A 71 -6.09 9.95 -59.16
CA ASP A 71 -5.83 9.03 -60.26
C ASP A 71 -6.80 7.85 -60.25
N GLY A 72 -7.01 7.23 -59.09
CA GLY A 72 -7.90 6.08 -59.01
C GLY A 72 -9.36 6.41 -59.28
N PHE A 73 -9.72 7.69 -59.24
CA PHE A 73 -11.01 8.17 -59.74
C PHE A 73 -10.82 9.25 -60.79
N GLY A 74 -9.60 9.44 -61.28
CA GLY A 74 -9.36 10.12 -62.54
C GLY A 74 -9.28 9.11 -63.67
N LYS A 75 -10.09 8.06 -63.56
CA LYS A 75 -10.35 7.11 -64.64
C LYS A 75 -9.33 5.99 -64.73
N THR A 76 -8.61 5.70 -63.64
CA THR A 76 -7.53 4.72 -63.66
C THR A 76 -7.79 3.63 -62.63
N ASP A 77 -7.88 2.38 -63.11
CA ASP A 77 -8.14 1.25 -62.23
C ASP A 77 -6.87 0.61 -61.66
N ARG A 78 -5.70 0.82 -62.29
CA ARG A 78 -4.48 0.21 -61.77
C ARG A 78 -4.25 0.61 -60.32
N SER A 79 -4.44 1.88 -60.00
CA SER A 79 -4.15 2.39 -58.66
C SER A 79 -4.96 1.64 -57.61
N VAL A 80 -6.28 1.80 -57.66
CA VAL A 80 -7.15 1.16 -56.67
C VAL A 80 -6.93 -0.34 -56.64
N LEU A 81 -6.47 -0.93 -57.73
CA LEU A 81 -6.46 -2.38 -57.86
C LEU A 81 -5.12 -2.98 -57.43
N VAL A 82 -4.15 -2.98 -58.34
CA VAL A 82 -2.97 -3.82 -58.16
C VAL A 82 -2.31 -3.56 -56.80
N TRP A 83 -1.90 -2.32 -56.55
CA TRP A 83 -0.92 -2.05 -55.50
C TRP A 83 -1.47 -1.37 -54.26
N MET A 84 -2.46 -0.49 -54.37
CA MET A 84 -2.96 0.23 -53.19
C MET A 84 -3.25 -0.70 -52.01
N PRO A 85 -4.07 -1.74 -52.13
CA PRO A 85 -4.25 -2.65 -50.99
C PRO A 85 -2.94 -3.27 -50.52
N LEU A 86 -2.06 -3.62 -51.45
CA LEU A 86 -0.75 -4.17 -51.10
C LEU A 86 0.03 -3.21 -50.21
N VAL A 87 0.16 -1.96 -50.65
CA VAL A 87 0.93 -1.00 -49.87
C VAL A 87 0.30 -0.80 -48.51
N VAL A 88 -1.03 -0.78 -48.44
CA VAL A 88 -1.63 -0.58 -47.13
C VAL A 88 -1.29 -1.75 -46.20
N ILE A 89 -1.41 -2.98 -46.69
CA ILE A 89 -1.09 -4.14 -45.86
C ILE A 89 0.36 -4.08 -45.40
N GLY A 90 1.27 -3.75 -46.32
CA GLY A 90 2.68 -3.66 -45.97
C GLY A 90 2.97 -2.59 -44.93
N LEU A 91 2.39 -1.40 -45.11
CA LEU A 91 2.54 -0.34 -44.13
C LEU A 91 2.03 -0.78 -42.76
N MET A 92 0.92 -1.51 -42.73
CA MET A 92 0.39 -1.97 -41.44
C MET A 92 1.32 -2.98 -40.79
N ILE A 93 1.92 -3.86 -41.59
CA ILE A 93 2.95 -4.75 -41.05
C ILE A 93 4.08 -3.93 -40.42
N LEU A 94 4.55 -2.92 -41.15
CA LEU A 94 5.63 -2.08 -40.62
C LEU A 94 5.22 -1.40 -39.33
N ARG A 95 3.99 -0.89 -39.28
CA ARG A 95 3.51 -0.22 -38.09
C ARG A 95 3.48 -1.19 -36.91
N GLY A 96 2.94 -2.39 -37.13
CA GLY A 96 2.91 -3.38 -36.07
C GLY A 96 4.29 -3.75 -35.58
N ILE A 97 5.25 -3.86 -36.49
CA ILE A 97 6.60 -4.25 -36.11
C ILE A 97 7.26 -3.14 -35.31
N THR A 98 7.22 -1.91 -35.82
CA THR A 98 7.76 -0.78 -35.07
C THR A 98 7.09 -0.68 -33.70
N SER A 99 5.79 -0.90 -33.65
CA SER A 99 5.04 -0.87 -32.40
C SER A 99 5.59 -1.89 -31.41
N TYR A 100 5.60 -3.16 -31.80
CA TYR A 100 6.09 -4.21 -30.92
C TYR A 100 7.53 -3.96 -30.51
N VAL A 101 8.37 -3.54 -31.45
CA VAL A 101 9.80 -3.37 -31.16
C VAL A 101 10.01 -2.26 -30.15
N SER A 102 9.39 -1.09 -30.39
CA SER A 102 9.55 0.01 -29.44
C SER A 102 8.99 -0.36 -28.08
N SER A 103 7.80 -0.97 -28.06
CA SER A 103 7.25 -1.45 -26.80
C SER A 103 8.26 -2.32 -26.06
N TYR A 104 8.84 -3.29 -26.75
CA TYR A 104 9.72 -4.26 -26.09
C TYR A 104 10.99 -3.60 -25.61
N CYS A 105 11.60 -2.77 -26.45
CA CYS A 105 12.83 -2.09 -26.05
C CYS A 105 12.60 -1.21 -24.83
N ILE A 106 11.50 -0.45 -24.82
CA ILE A 106 11.24 0.43 -23.69
C ILE A 106 10.97 -0.38 -22.45
N SER A 107 10.15 -1.44 -22.56
CA SER A 107 9.88 -2.28 -21.39
C SER A 107 11.15 -2.92 -20.85
N TRP A 108 12.09 -3.25 -21.74
CA TRP A 108 13.37 -3.81 -21.30
C TRP A 108 14.18 -2.77 -20.53
N VAL A 109 14.39 -1.60 -21.13
CA VAL A 109 15.13 -0.53 -20.47
C VAL A 109 14.50 -0.22 -19.12
N SER A 110 13.18 -0.19 -19.05
CA SER A 110 12.49 0.16 -17.82
C SER A 110 12.67 -0.93 -16.78
N GLY A 111 12.42 -2.18 -17.14
CA GLY A 111 12.69 -3.28 -16.23
C GLY A 111 14.08 -3.18 -15.62
N LYS A 112 15.09 -2.94 -16.47
CA LYS A 112 16.46 -2.85 -15.99
C LYS A 112 16.65 -1.70 -15.00
N VAL A 113 16.22 -0.50 -15.38
CA VAL A 113 16.46 0.66 -14.52
C VAL A 113 15.69 0.55 -13.22
N VAL A 114 14.47 0.00 -13.27
CA VAL A 114 13.69 -0.20 -12.06
C VAL A 114 14.41 -1.16 -11.12
N MET A 115 14.79 -2.33 -11.64
CA MET A 115 15.53 -3.30 -10.82
C MET A 115 16.80 -2.68 -10.25
N THR A 116 17.48 -1.84 -11.03
CA THR A 116 18.71 -1.22 -10.56
C THR A 116 18.45 -0.24 -9.42
N MET A 117 17.49 0.66 -9.62
CA MET A 117 17.04 1.52 -8.54
C MET A 117 16.78 0.70 -7.28
N ARG A 118 16.12 -0.45 -7.42
CA ARG A 118 15.71 -1.20 -6.25
C ARG A 118 16.89 -1.83 -5.55
N ARG A 119 17.83 -2.39 -6.31
CA ARG A 119 19.04 -2.93 -5.68
C ARG A 119 19.82 -1.84 -4.97
N ARG A 120 19.86 -0.63 -5.54
CA ARG A 120 20.51 0.50 -4.88
C ARG A 120 19.83 0.83 -3.56
N LEU A 121 18.51 1.00 -3.58
CA LEU A 121 17.78 1.35 -2.37
C LEU A 121 17.92 0.27 -1.31
N PHE A 122 17.76 -1.00 -1.71
CA PHE A 122 17.90 -2.11 -0.78
C PHE A 122 19.28 -2.10 -0.14
N GLY A 123 20.34 -2.14 -0.96
CA GLY A 123 21.69 -2.13 -0.44
C GLY A 123 21.95 -0.97 0.50
N HIS A 124 21.41 0.21 0.17
CA HIS A 124 21.64 1.37 1.01
C HIS A 124 20.92 1.24 2.33
N MET A 125 19.62 0.92 2.28
CA MET A 125 18.82 0.79 3.49
C MET A 125 19.41 -0.24 4.43
N MET A 126 19.89 -1.36 3.89
CA MET A 126 20.54 -2.36 4.72
C MET A 126 21.66 -1.75 5.55
N GLY A 127 22.39 -0.80 4.97
CA GLY A 127 23.52 -0.19 5.64
C GLY A 127 23.20 1.11 6.37
N MET A 128 21.99 1.22 6.89
CA MET A 128 21.55 2.43 7.57
C MET A 128 21.71 2.29 9.07
N PRO A 129 21.65 3.41 9.80
CA PRO A 129 21.67 3.34 11.27
C PRO A 129 20.41 2.67 11.81
N VAL A 130 20.59 1.94 12.91
CA VAL A 130 19.46 1.31 13.59
C VAL A 130 18.42 2.35 13.96
N SER A 131 18.86 3.56 14.33
CA SER A 131 17.92 4.63 14.63
C SER A 131 16.94 4.83 13.48
N PHE A 132 17.40 4.61 12.24
CA PHE A 132 16.57 4.81 11.06
C PHE A 132 15.40 3.84 11.00
N PHE A 133 15.51 2.67 11.65
CA PHE A 133 14.51 1.61 11.52
C PHE A 133 13.54 1.57 12.70
N ASP A 134 14.04 1.68 13.93
CA ASP A 134 13.16 1.75 15.09
C ASP A 134 12.16 2.90 14.96
N LYS A 135 12.55 3.95 14.24
CA LYS A 135 11.78 5.18 14.11
C LYS A 135 10.76 5.12 12.97
N GLN A 136 11.12 4.48 11.86
CA GLN A 136 10.27 4.40 10.68
C GLN A 136 9.65 3.02 10.56
N SER A 137 8.38 2.99 10.16
CA SER A 137 7.73 1.73 9.84
C SER A 137 8.44 1.05 8.67
N THR A 138 8.66 -0.25 8.81
CA THR A 138 9.26 -1.01 7.72
C THR A 138 8.47 -0.80 6.43
N GLY A 139 7.15 -0.80 6.55
CA GLY A 139 6.27 -0.66 5.41
C GLY A 139 6.57 0.55 4.56
N THR A 140 6.37 1.77 5.08
CA THR A 140 6.50 2.96 4.25
C THR A 140 7.71 2.88 3.32
N LEU A 141 8.86 2.47 3.86
CA LEU A 141 10.04 2.29 3.03
C LEU A 141 9.80 1.21 1.96
N LEU A 142 9.33 0.04 2.40
CA LEU A 142 9.10 -1.05 1.46
C LEU A 142 8.19 -0.62 0.32
N SER A 143 7.06 0.00 0.66
CA SER A 143 6.09 0.45 -0.34
C SER A 143 6.70 1.48 -1.28
N ARG A 144 7.41 2.47 -0.72
CA ARG A 144 7.93 3.52 -1.58
C ARG A 144 8.92 2.96 -2.60
N ILE A 145 9.81 2.06 -2.17
CA ILE A 145 10.86 1.67 -3.10
C ILE A 145 10.30 0.80 -4.23
N THR A 146 9.18 0.10 -3.98
CA THR A 146 8.57 -0.70 -5.03
C THR A 146 7.68 0.15 -5.94
N TYR A 147 6.99 1.14 -5.37
CA TYR A 147 6.04 1.92 -6.17
C TYR A 147 6.74 3.04 -6.93
N ASP A 148 7.57 3.82 -6.24
CA ASP A 148 8.21 4.99 -6.84
C ASP A 148 9.20 4.59 -7.93
N SER A 149 9.98 3.54 -7.71
CA SER A 149 10.97 3.16 -8.71
C SER A 149 10.28 2.69 -9.99
N GLU A 150 9.06 2.15 -9.88
CA GLU A 150 8.29 1.79 -11.06
C GLU A 150 7.65 3.01 -11.71
N GLN A 151 7.18 3.97 -10.90
CA GLN A 151 6.57 5.17 -11.46
C GLN A 151 7.58 6.03 -12.22
N VAL A 152 8.81 6.16 -11.68
CA VAL A 152 9.84 6.92 -12.40
C VAL A 152 9.98 6.39 -13.81
N ALA A 153 10.08 5.06 -13.94
CA ALA A 153 10.24 4.45 -15.25
C ALA A 153 9.00 4.64 -16.12
N SER A 154 7.80 4.43 -15.56
CA SER A 154 6.60 4.60 -16.37
C SER A 154 6.52 5.99 -16.96
N SER A 155 6.64 7.02 -16.11
CA SER A 155 6.52 8.40 -16.58
C SER A 155 7.64 8.75 -17.55
N SER A 156 8.89 8.39 -17.23
CA SER A 156 10.00 8.68 -18.13
C SER A 156 9.80 8.02 -19.49
N SER A 157 9.38 6.75 -19.49
CA SER A 157 9.14 6.03 -20.75
C SER A 157 8.06 6.71 -21.56
N GLY A 158 6.91 7.00 -20.94
CA GLY A 158 5.85 7.67 -21.68
C GLY A 158 6.30 8.98 -22.26
N ALA A 159 7.04 9.78 -21.48
CA ALA A 159 7.53 11.07 -21.97
C ALA A 159 8.43 10.89 -23.18
N LEU A 160 9.39 9.98 -23.08
CA LEU A 160 10.30 9.74 -24.20
C LEU A 160 9.53 9.30 -25.44
N ILE A 161 8.66 8.30 -25.29
CA ILE A 161 7.90 7.80 -26.42
C ILE A 161 7.12 8.94 -27.06
N THR A 162 6.47 9.76 -26.24
CA THR A 162 5.70 10.88 -26.79
C THR A 162 6.59 11.80 -27.61
N VAL A 163 7.63 12.36 -26.97
CA VAL A 163 8.49 13.30 -27.70
C VAL A 163 8.90 12.68 -29.02
N VAL A 164 9.54 11.51 -28.98
CA VAL A 164 10.05 10.90 -30.21
C VAL A 164 8.94 10.72 -31.23
N ARG A 165 7.98 9.84 -30.94
CA ARG A 165 6.99 9.45 -31.94
C ARG A 165 6.21 10.66 -32.45
N GLU A 166 5.59 11.41 -31.54
CA GLU A 166 4.66 12.45 -31.95
C GLU A 166 5.39 13.68 -32.49
N GLY A 167 6.59 13.98 -31.98
CA GLY A 167 7.40 15.03 -32.58
C GLY A 167 7.90 14.65 -33.95
N ALA A 168 8.02 13.35 -34.24
CA ALA A 168 8.32 12.92 -35.59
C ALA A 168 7.11 13.06 -36.50
N SER A 169 5.92 12.73 -35.97
CA SER A 169 4.73 12.79 -36.82
C SER A 169 4.33 14.23 -37.11
N ILE A 170 4.50 15.15 -36.15
CA ILE A 170 4.17 16.55 -36.44
C ILE A 170 5.08 17.09 -37.52
N ILE A 171 6.35 16.66 -37.54
CA ILE A 171 7.26 17.05 -38.60
C ILE A 171 6.78 16.50 -39.93
N GLY A 172 6.54 15.20 -39.98
CA GLY A 172 6.01 14.60 -41.20
C GLY A 172 4.79 15.32 -41.73
N LEU A 173 3.85 15.63 -40.83
CA LEU A 173 2.59 16.21 -41.23
C LEU A 173 2.75 17.67 -41.65
N PHE A 174 3.58 18.43 -40.95
CA PHE A 174 3.84 19.81 -41.35
C PHE A 174 4.47 19.86 -42.74
N ILE A 175 5.50 19.03 -42.98
CA ILE A 175 6.12 19.02 -44.30
C ILE A 175 5.11 18.62 -45.37
N MET A 176 4.35 17.55 -45.12
CA MET A 176 3.36 17.12 -46.11
C MET A 176 2.36 18.23 -46.41
N MET A 177 1.86 18.92 -45.37
CA MET A 177 0.98 20.05 -45.57
C MET A 177 1.63 21.14 -46.41
N PHE A 178 2.94 21.35 -46.27
CA PHE A 178 3.60 22.40 -47.03
C PHE A 178 3.86 22.00 -48.48
N TYR A 179 4.12 20.71 -48.74
CA TYR A 179 4.28 20.25 -50.12
C TYR A 179 2.95 20.26 -50.85
N TYR A 180 1.93 19.64 -50.28
CA TYR A 180 0.57 19.73 -50.76
C TYR A 180 -0.08 21.00 -50.22
N SER A 181 -0.26 21.99 -51.08
CA SER A 181 -0.87 23.26 -50.70
C SER A 181 -0.02 24.01 -49.66
N TRP A 182 1.13 24.49 -50.13
CA TRP A 182 1.96 25.37 -49.35
C TRP A 182 1.16 26.52 -48.75
N GLN A 183 0.10 26.95 -49.43
CA GLN A 183 -0.68 28.10 -48.99
C GLN A 183 -1.45 27.80 -47.71
N LEU A 184 -2.33 26.78 -47.75
CA LEU A 184 -3.22 26.52 -46.63
C LEU A 184 -2.45 26.37 -45.32
N SER A 185 -1.27 25.77 -45.36
CA SER A 185 -0.50 25.49 -44.14
C SER A 185 -0.25 26.77 -43.34
N ILE A 186 0.13 27.85 -44.03
CA ILE A 186 0.54 29.05 -43.32
C ILE A 186 -0.65 29.67 -42.58
N ILE A 187 -1.84 29.60 -43.17
CA ILE A 187 -3.03 30.08 -42.47
C ILE A 187 -3.16 29.37 -41.13
N LEU A 188 -2.89 28.06 -41.12
CA LEU A 188 -2.89 27.32 -39.87
C LEU A 188 -1.80 27.83 -38.93
N ILE A 189 -0.61 28.08 -39.47
CA ILE A 189 0.53 28.45 -38.64
C ILE A 189 0.31 29.79 -37.96
N VAL A 190 -0.17 30.79 -38.71
CA VAL A 190 -0.42 32.10 -38.12
C VAL A 190 -1.49 32.00 -37.04
N LEU A 191 -2.49 31.14 -37.24
CA LEU A 191 -3.49 30.91 -36.21
C LEU A 191 -2.91 30.19 -35.01
N ALA A 192 -1.75 29.55 -35.16
CA ALA A 192 -1.25 28.64 -34.13
C ALA A 192 -0.99 29.32 -32.79
N PRO A 193 -0.34 30.49 -32.72
CA PRO A 193 -0.02 31.02 -31.38
C PRO A 193 -1.23 31.42 -30.58
N ILE A 194 -2.22 32.07 -31.21
CA ILE A 194 -3.40 32.49 -30.44
C ILE A 194 -4.25 31.28 -30.08
N VAL A 195 -4.36 30.30 -30.98
CA VAL A 195 -5.07 29.07 -30.65
C VAL A 195 -4.38 28.38 -29.47
N SER A 196 -3.04 28.36 -29.49
CA SER A 196 -2.29 27.73 -28.41
C SER A 196 -2.55 28.44 -27.09
N ILE A 197 -2.49 29.77 -27.09
CA ILE A 197 -2.71 30.51 -25.86
C ILE A 197 -4.13 30.29 -25.35
N ALA A 198 -5.12 30.33 -26.25
CA ALA A 198 -6.49 30.04 -25.87
C ALA A 198 -6.60 28.68 -25.19
N ILE A 199 -6.06 27.64 -25.83
CA ILE A 199 -6.17 26.29 -25.30
C ILE A 199 -5.47 26.19 -23.95
N ARG A 200 -4.30 26.81 -23.82
CA ARG A 200 -3.56 26.73 -22.59
C ARG A 200 -4.31 27.42 -21.45
N VAL A 201 -4.91 28.58 -21.73
CA VAL A 201 -5.66 29.28 -20.70
C VAL A 201 -6.87 28.47 -20.27
N VAL A 202 -7.63 27.94 -21.24
CA VAL A 202 -8.78 27.11 -20.91
C VAL A 202 -8.33 25.93 -20.07
N SER A 203 -7.17 25.36 -20.39
CA SER A 203 -6.69 24.19 -19.67
C SER A 203 -6.28 24.53 -18.24
N LYS A 204 -5.55 25.62 -18.06
CA LYS A 204 -5.09 26.00 -16.73
C LYS A 204 -6.23 26.46 -15.84
N ARG A 205 -7.28 27.03 -16.43
CA ARG A 205 -8.43 27.46 -15.64
C ARG A 205 -9.05 26.29 -14.88
N PHE A 206 -9.37 25.21 -15.60
CA PHE A 206 -10.19 24.15 -15.04
C PHE A 206 -9.37 22.97 -14.54
N ARG A 207 -8.70 22.26 -15.45
CA ARG A 207 -8.15 20.94 -15.13
C ARG A 207 -6.76 21.07 -14.53
N ASN A 208 -6.72 21.08 -13.19
CA ASN A 208 -5.50 20.84 -12.41
C ASN A 208 -5.89 20.63 -10.95
N ILE A 209 -6.86 19.74 -10.71
CA ILE A 209 -7.49 19.59 -9.39
C ILE A 209 -7.56 18.13 -8.95
N SER A 210 -6.46 17.39 -9.12
CA SER A 210 -6.43 16.01 -8.62
C SER A 210 -6.17 15.97 -7.13
N LYS A 211 -5.30 16.84 -6.63
CA LYS A 211 -4.92 16.77 -5.22
C LYS A 211 -6.09 17.10 -4.30
N ASN A 212 -7.02 17.94 -4.74
CA ASN A 212 -8.23 18.19 -3.95
C ASN A 212 -8.90 16.86 -3.60
N MET A 213 -9.19 16.06 -4.62
CA MET A 213 -9.85 14.78 -4.39
C MET A 213 -8.92 13.80 -3.69
N GLN A 214 -7.61 13.92 -3.90
CA GLN A 214 -6.67 13.08 -3.15
C GLN A 214 -6.81 13.33 -1.65
N ASN A 215 -6.91 14.60 -1.27
CA ASN A 215 -7.15 14.97 0.13
C ASN A 215 -8.47 14.37 0.62
N THR A 216 -9.56 14.63 -0.11
CA THR A 216 -10.87 14.17 0.35
C THR A 216 -10.90 12.65 0.46
N MET A 217 -10.27 11.95 -0.49
CA MET A 217 -10.24 10.49 -0.45
C MET A 217 -9.36 9.99 0.68
N GLY A 218 -8.27 10.70 0.97
CA GLY A 218 -7.49 10.39 2.16
C GLY A 218 -8.34 10.46 3.41
N GLN A 219 -9.28 11.39 3.45
CA GLN A 219 -10.16 11.47 4.61
C GLN A 219 -11.14 10.30 4.66
N VAL A 220 -11.73 9.94 3.51
CA VAL A 220 -12.55 8.74 3.44
C VAL A 220 -11.78 7.54 4.00
N THR A 221 -10.58 7.35 3.49
CA THR A 221 -9.72 6.24 3.91
C THR A 221 -9.48 6.31 5.41
N THR A 222 -9.15 7.50 5.91
CA THR A 222 -8.79 7.63 7.32
C THR A 222 -9.98 7.25 8.20
N SER A 223 -11.16 7.81 7.92
CA SER A 223 -12.33 7.48 8.73
C SER A 223 -12.60 5.98 8.71
N ALA A 224 -12.65 5.39 7.51
CA ALA A 224 -12.94 3.96 7.40
C ALA A 224 -11.90 3.14 8.16
N GLU A 225 -10.63 3.50 8.05
CA GLU A 225 -9.56 2.72 8.65
C GLU A 225 -9.57 2.84 10.18
N GLN A 226 -9.72 4.06 10.69
CA GLN A 226 -9.85 4.26 12.13
C GLN A 226 -11.00 3.43 12.69
N MET A 227 -12.14 3.41 11.99
CA MET A 227 -13.29 2.63 12.48
C MET A 227 -13.00 1.14 12.44
N LEU A 228 -12.45 0.64 11.33
CA LEU A 228 -12.22 -0.80 11.19
C LEU A 228 -11.19 -1.29 12.21
N LYS A 229 -10.05 -0.61 12.30
CA LYS A 229 -9.01 -1.03 13.24
C LYS A 229 -9.44 -0.84 14.69
N GLY A 230 -9.85 0.37 15.05
CA GLY A 230 -10.27 0.64 16.41
C GLY A 230 -11.71 0.25 16.69
N HIS A 231 -12.16 -0.84 16.07
CA HIS A 231 -13.53 -1.31 16.25
C HIS A 231 -13.88 -1.48 17.72
N LYS A 232 -12.92 -1.97 18.52
CA LYS A 232 -13.22 -2.37 19.89
C LYS A 232 -13.46 -1.16 20.79
N GLU A 233 -12.71 -0.07 20.60
CA GLU A 233 -12.97 1.11 21.40
C GLU A 233 -14.24 1.82 20.94
N VAL A 234 -14.58 1.73 19.66
CA VAL A 234 -15.89 2.20 19.23
C VAL A 234 -16.99 1.46 19.98
N LEU A 235 -16.85 0.15 20.12
CA LEU A 235 -17.88 -0.63 20.81
C LEU A 235 -17.93 -0.28 22.30
N ILE A 236 -16.77 -0.24 22.96
CA ILE A 236 -16.75 0.01 24.40
C ILE A 236 -17.21 1.42 24.71
N PHE A 237 -16.67 2.40 24.02
CA PHE A 237 -16.93 3.79 24.31
C PHE A 237 -18.14 4.35 23.57
N GLY A 238 -18.84 3.54 22.79
CA GLY A 238 -20.08 3.95 22.16
C GLY A 238 -19.98 5.19 21.30
N GLY A 239 -19.11 5.17 20.30
CA GLY A 239 -18.97 6.30 19.40
C GLY A 239 -19.49 5.99 18.00
N GLN A 240 -20.47 5.08 17.93
CA GLN A 240 -21.02 4.69 16.64
C GLN A 240 -21.61 5.90 15.91
N GLU A 241 -22.38 6.74 16.64
CA GLU A 241 -22.95 7.93 16.02
C GLU A 241 -21.86 8.87 15.53
N VAL A 242 -20.83 9.10 16.37
CA VAL A 242 -19.75 9.99 15.98
C VAL A 242 -19.10 9.51 14.69
N GLU A 243 -18.64 8.26 14.69
CA GLU A 243 -17.96 7.70 13.51
C GLU A 243 -18.87 7.70 12.30
N THR A 244 -20.14 7.33 12.48
CA THR A 244 -21.09 7.33 11.38
C THR A 244 -21.22 8.72 10.77
N LYS A 245 -21.72 9.69 11.55
CA LYS A 245 -21.89 11.04 11.04
C LYS A 245 -20.61 11.56 10.39
N ARG A 246 -19.45 11.20 10.94
CA ARG A 246 -18.18 11.58 10.33
C ARG A 246 -18.06 11.02 8.93
N PHE A 247 -18.34 9.72 8.78
CA PHE A 247 -18.27 9.10 7.47
C PHE A 247 -19.31 9.71 6.52
N ASP A 248 -20.49 10.01 7.04
CA ASP A 248 -21.54 10.63 6.23
C ASP A 248 -21.05 11.94 5.63
N LYS A 249 -20.34 12.73 6.44
CA LYS A 249 -19.76 13.99 5.94
C LYS A 249 -18.69 13.74 4.89
N VAL A 250 -17.70 12.92 5.23
CA VAL A 250 -16.51 12.81 4.40
C VAL A 250 -16.81 12.08 3.09
N SER A 251 -17.70 11.09 3.12
CA SER A 251 -18.05 10.38 1.89
C SER A 251 -18.76 11.30 0.92
N ASN A 252 -19.62 12.19 1.42
CA ASN A 252 -20.30 13.13 0.53
C ASN A 252 -19.31 14.13 -0.04
N ARG A 253 -18.36 14.59 0.77
CA ARG A 253 -17.33 15.48 0.23
C ARG A 253 -16.53 14.76 -0.85
N MET A 254 -16.23 13.48 -0.63
CA MET A 254 -15.52 12.69 -1.64
C MET A 254 -16.33 12.60 -2.93
N ARG A 255 -17.64 12.34 -2.80
CA ARG A 255 -18.52 12.33 -3.96
C ARG A 255 -18.44 13.64 -4.73
N LEU A 256 -18.61 14.75 -4.02
CA LEU A 256 -18.61 16.05 -4.66
C LEU A 256 -17.27 16.33 -5.33
N GLN A 257 -16.17 15.87 -4.74
CA GLN A 257 -14.87 16.12 -5.36
C GLN A 257 -14.65 15.25 -6.58
N GLY A 258 -15.16 14.03 -6.58
CA GLY A 258 -15.20 13.25 -7.82
C GLY A 258 -15.95 13.96 -8.91
N MET A 259 -17.06 14.60 -8.56
CA MET A 259 -17.87 15.28 -9.58
C MET A 259 -17.20 16.56 -10.07
N LYS A 260 -16.62 17.36 -9.18
CA LYS A 260 -15.81 18.49 -9.62
C LYS A 260 -14.64 18.02 -10.47
N MET A 261 -14.06 16.87 -10.12
CA MET A 261 -12.95 16.30 -10.87
C MET A 261 -13.35 16.05 -12.31
N VAL A 262 -14.48 15.37 -12.51
CA VAL A 262 -14.95 15.15 -13.87
C VAL A 262 -15.32 16.48 -14.53
N SER A 263 -16.14 17.29 -13.86
CA SER A 263 -16.57 18.56 -14.42
C SER A 263 -15.39 19.32 -15.02
N ALA A 264 -14.24 19.31 -14.35
CA ALA A 264 -13.05 19.94 -14.91
C ALA A 264 -12.86 19.57 -16.38
N SER A 265 -12.71 18.28 -16.65
CA SER A 265 -12.42 17.85 -18.02
C SER A 265 -13.65 17.90 -18.90
N SER A 266 -14.81 17.54 -18.37
CA SER A 266 -16.06 17.65 -19.11
C SER A 266 -16.22 19.05 -19.69
N ILE A 267 -15.77 20.06 -18.96
CA ILE A 267 -15.86 21.45 -19.42
C ILE A 267 -14.68 21.79 -20.32
N SER A 268 -13.49 21.31 -19.97
CA SER A 268 -12.28 21.78 -20.64
C SER A 268 -12.08 21.16 -22.03
N ASP A 269 -12.53 19.91 -22.21
CA ASP A 269 -12.25 19.23 -23.51
C ASP A 269 -13.09 19.78 -24.63
N PRO A 270 -14.43 19.82 -24.54
CA PRO A 270 -15.21 20.30 -25.69
C PRO A 270 -14.85 21.72 -26.07
N ILE A 271 -14.60 22.57 -25.06
CA ILE A 271 -14.16 23.94 -25.32
C ILE A 271 -12.91 23.96 -26.19
N ILE A 272 -11.94 23.11 -25.83
CA ILE A 272 -10.65 23.16 -26.50
C ILE A 272 -10.79 22.68 -27.94
N GLN A 273 -11.47 21.55 -28.15
CA GLN A 273 -11.61 21.14 -29.54
C GLN A 273 -12.52 22.08 -30.32
N LEU A 274 -13.36 22.86 -29.64
CA LEU A 274 -14.12 23.90 -30.33
C LEU A 274 -13.21 25.00 -30.82
N ILE A 275 -12.25 25.42 -29.99
CA ILE A 275 -11.26 26.43 -30.41
C ILE A 275 -10.53 25.94 -31.67
N ALA A 276 -9.98 24.72 -31.59
CA ALA A 276 -9.30 24.16 -32.75
C ALA A 276 -10.24 24.10 -33.95
N SER A 277 -11.51 23.79 -33.71
CA SER A 277 -12.50 23.73 -34.79
C SER A 277 -12.65 25.08 -35.47
N LEU A 278 -12.66 26.16 -34.70
CA LEU A 278 -12.70 27.50 -35.29
C LEU A 278 -11.52 27.71 -36.22
N ALA A 279 -10.31 27.43 -35.73
CA ALA A 279 -9.13 27.62 -36.58
C ALA A 279 -9.27 26.86 -37.90
N LEU A 280 -9.70 25.59 -37.83
CA LEU A 280 -9.82 24.80 -39.04
C LEU A 280 -10.92 25.34 -39.96
N ALA A 281 -12.02 25.84 -39.39
CA ALA A 281 -13.10 26.36 -40.23
C ALA A 281 -12.69 27.63 -40.95
N PHE A 282 -11.85 28.46 -40.31
CA PHE A 282 -11.26 29.59 -41.03
C PHE A 282 -10.39 29.10 -42.19
N VAL A 283 -9.54 28.10 -41.93
CA VAL A 283 -8.72 27.54 -43.00
C VAL A 283 -9.60 27.04 -44.15
N LEU A 284 -10.75 26.46 -43.83
CA LEU A 284 -11.64 25.92 -44.87
C LEU A 284 -12.40 27.03 -45.59
N TYR A 285 -12.70 28.12 -44.89
CA TYR A 285 -13.34 29.27 -45.51
C TYR A 285 -12.39 29.93 -46.50
N ALA A 286 -11.08 29.81 -46.28
CA ALA A 286 -10.14 30.22 -47.32
C ALA A 286 -10.02 29.18 -48.44
N ALA A 287 -10.44 27.93 -48.19
CA ALA A 287 -10.37 26.92 -49.23
C ALA A 287 -11.31 27.22 -50.39
N SER A 288 -12.38 27.99 -50.13
CA SER A 288 -13.32 28.33 -51.17
C SER A 288 -12.85 29.51 -52.02
N PHE A 289 -11.96 30.35 -51.50
CA PHE A 289 -11.60 31.55 -52.23
C PHE A 289 -10.64 31.21 -53.38
N PRO A 290 -10.68 32.00 -54.46
CA PRO A 290 -10.15 31.51 -55.74
C PRO A 290 -8.63 31.36 -55.81
N SER A 291 -7.86 32.25 -55.18
CA SER A 291 -6.43 32.35 -55.46
C SER A 291 -5.72 31.00 -55.31
N VAL A 292 -6.21 30.11 -54.46
CA VAL A 292 -5.49 28.90 -54.10
C VAL A 292 -6.25 27.62 -54.44
N MET A 293 -7.58 27.64 -54.55
CA MET A 293 -8.32 26.43 -54.91
C MET A 293 -8.13 26.05 -56.38
N ASP A 294 -7.62 26.96 -57.21
CA ASP A 294 -7.44 26.67 -58.63
C ASP A 294 -6.32 25.67 -58.85
N SER A 295 -5.12 25.96 -58.32
CA SER A 295 -3.99 25.04 -58.46
C SER A 295 -4.31 23.68 -57.86
N LEU A 296 -5.08 23.66 -56.77
CA LEU A 296 -5.26 22.44 -56.00
C LEU A 296 -6.40 21.59 -56.58
N THR A 297 -6.50 20.37 -56.06
CA THR A 297 -7.43 19.38 -56.56
C THR A 297 -8.14 18.69 -55.40
N ALA A 298 -9.21 17.97 -55.73
CA ALA A 298 -10.01 17.28 -54.72
C ALA A 298 -9.20 16.27 -53.92
N GLY A 299 -8.10 15.77 -54.46
CA GLY A 299 -7.28 14.80 -53.76
C GLY A 299 -6.26 15.44 -52.85
N THR A 300 -5.87 16.66 -53.17
CA THR A 300 -4.90 17.38 -52.35
C THR A 300 -5.55 17.97 -51.11
N ILE A 301 -6.76 18.51 -51.26
CA ILE A 301 -7.49 19.02 -50.10
C ILE A 301 -7.65 17.91 -49.07
N THR A 302 -7.98 16.71 -49.54
CA THR A 302 -8.22 15.60 -48.61
C THR A 302 -6.99 15.33 -47.76
N VAL A 303 -5.83 15.17 -48.41
CA VAL A 303 -4.63 14.83 -47.67
C VAL A 303 -4.22 15.98 -46.75
N VAL A 304 -4.34 17.22 -47.21
CA VAL A 304 -3.92 18.36 -46.39
C VAL A 304 -4.79 18.48 -45.13
N PHE A 305 -6.12 18.45 -45.30
CA PHE A 305 -7.02 18.58 -44.15
C PHE A 305 -6.92 17.38 -43.22
N SER A 306 -6.77 16.16 -43.77
CA SER A 306 -6.61 15.00 -42.91
C SER A 306 -5.30 15.09 -42.15
N SER A 307 -4.26 15.67 -42.76
CA SER A 307 -3.03 15.94 -42.03
C SER A 307 -3.28 16.87 -40.85
N MET A 308 -4.01 17.96 -41.10
CA MET A 308 -4.29 18.91 -40.02
C MET A 308 -5.06 18.23 -38.89
N ILE A 309 -6.07 17.43 -39.23
CA ILE A 309 -6.81 16.69 -38.20
C ILE A 309 -5.85 15.79 -37.42
N ALA A 310 -5.08 14.96 -38.14
CA ALA A 310 -4.14 14.06 -37.49
C ALA A 310 -3.21 14.79 -36.55
N LEU A 311 -2.89 16.06 -36.87
CA LEU A 311 -1.97 16.82 -36.04
C LEU A 311 -2.52 17.10 -34.64
N MET A 312 -3.84 17.07 -34.46
CA MET A 312 -4.41 17.49 -33.18
C MET A 312 -3.99 16.56 -32.06
N ARG A 313 -3.89 15.25 -32.34
CA ARG A 313 -3.50 14.32 -31.28
C ARG A 313 -2.04 14.49 -30.90
N PRO A 314 -1.09 14.56 -31.85
CA PRO A 314 0.30 14.85 -31.46
C PRO A 314 0.46 16.13 -30.67
N LEU A 315 -0.23 17.21 -31.06
CA LEU A 315 -0.08 18.48 -30.35
C LEU A 315 -0.57 18.35 -28.91
N LYS A 316 -1.73 17.73 -28.72
CA LYS A 316 -2.23 17.43 -27.38
C LYS A 316 -1.19 16.64 -26.59
N SER A 317 -0.70 15.55 -27.18
CA SER A 317 0.24 14.69 -26.46
C SER A 317 1.49 15.47 -26.07
N LEU A 318 1.99 16.32 -26.97
CA LEU A 318 3.26 16.99 -26.71
C LEU A 318 3.12 18.08 -25.65
N THR A 319 2.04 18.86 -25.70
CA THR A 319 1.97 19.93 -24.70
C THR A 319 1.63 19.42 -23.26
N ASN A 320 1.64 18.12 -22.95
CA ASN A 320 1.46 17.60 -21.60
C ASN A 320 2.67 16.78 -21.12
N VAL A 321 3.73 16.76 -21.93
CA VAL A 321 4.91 15.96 -21.62
C VAL A 321 5.63 16.49 -20.41
N ASN A 322 5.68 17.82 -20.25
CA ASN A 322 6.32 18.36 -19.05
C ASN A 322 5.64 17.86 -17.79
N ALA A 323 4.30 17.86 -17.78
CA ALA A 323 3.57 17.28 -16.66
C ALA A 323 4.04 15.86 -16.39
N GLN A 324 3.92 15.00 -17.40
CA GLN A 324 4.32 13.60 -17.24
C GLN A 324 5.73 13.48 -16.66
N PHE A 325 6.68 14.16 -17.28
CA PHE A 325 8.10 13.98 -16.96
C PHE A 325 8.44 14.54 -15.59
N GLN A 326 8.05 15.78 -15.33
CA GLN A 326 8.26 16.36 -14.01
C GLN A 326 7.68 15.48 -12.92
N ARG A 327 6.55 14.80 -13.17
CA ARG A 327 6.03 13.85 -12.18
C ARG A 327 7.01 12.71 -11.95
N GLY A 328 7.47 12.10 -13.05
CA GLY A 328 8.47 11.05 -12.92
C GLY A 328 9.65 11.47 -12.06
N MET A 329 10.17 12.67 -12.30
CA MET A 329 11.32 13.15 -11.54
C MET A 329 10.95 13.49 -10.10
N ALA A 330 9.71 13.92 -9.85
CA ALA A 330 9.27 14.16 -8.49
C ALA A 330 9.30 12.89 -7.65
N ALA A 331 9.09 11.72 -8.28
CA ALA A 331 9.24 10.47 -7.54
C ALA A 331 10.71 10.04 -7.46
N CYS A 332 11.45 10.21 -8.56
CA CYS A 332 12.87 9.92 -8.53
C CYS A 332 13.56 10.69 -7.40
N GLN A 333 13.05 11.86 -7.05
CA GLN A 333 13.67 12.64 -5.98
C GLN A 333 13.44 12.01 -4.61
N THR A 334 12.26 11.46 -4.37
CA THR A 334 12.04 10.79 -3.08
C THR A 334 12.88 9.54 -2.98
N LEU A 335 13.20 8.91 -4.10
CA LEU A 335 14.18 7.82 -4.04
C LEU A 335 15.59 8.37 -3.75
N PHE A 336 15.96 9.46 -4.43
CA PHE A 336 17.32 9.99 -4.29
C PHE A 336 17.58 10.48 -2.87
N THR A 337 16.60 11.07 -2.21
CA THR A 337 16.82 11.53 -0.84
C THR A 337 17.13 10.35 0.07
N ILE A 338 16.31 9.30 0.01
CA ILE A 338 16.60 8.08 0.77
C ILE A 338 18.04 7.64 0.51
N LEU A 339 18.47 7.71 -0.74
CA LEU A 339 19.86 7.33 -1.03
C LEU A 339 20.84 8.30 -0.38
N ASP A 340 20.50 9.59 -0.35
CA ASP A 340 21.41 10.60 0.20
C ASP A 340 21.52 10.53 1.71
N SER A 341 20.55 9.90 2.38
CA SER A 341 20.59 9.77 3.83
C SER A 341 21.95 9.24 4.27
N GLU A 342 22.34 9.61 5.49
CA GLU A 342 23.63 9.23 6.04
C GLU A 342 23.59 7.78 6.51
N GLN A 343 24.55 6.98 6.04
CA GLN A 343 24.64 5.60 6.47
C GLN A 343 25.41 5.50 7.79
N GLU A 344 25.39 4.30 8.37
CA GLU A 344 26.13 4.04 9.60
C GLU A 344 27.56 4.55 9.48
N LYS A 345 27.99 5.32 10.47
CA LYS A 345 29.35 5.80 10.51
C LYS A 345 30.31 4.63 10.75
N ASP A 346 31.30 4.49 9.86
CA ASP A 346 32.17 3.33 9.85
C ASP A 346 33.53 3.77 9.32
N GLU A 347 34.47 4.03 10.24
CA GLU A 347 35.80 4.50 9.86
C GLU A 347 36.88 3.82 10.70
N GLY A 348 36.61 2.60 11.16
CA GLY A 348 37.53 1.89 12.03
C GLY A 348 38.91 1.68 11.44
N LYS A 349 38.96 0.98 10.31
CA LYS A 349 40.20 0.63 9.61
C LYS A 349 40.98 -0.47 10.32
N ARG A 350 40.55 -0.92 11.49
CA ARG A 350 41.20 -2.00 12.22
C ARG A 350 40.34 -3.25 12.14
N VAL A 351 40.99 -4.39 11.89
CA VAL A 351 40.29 -5.66 11.80
C VAL A 351 40.95 -6.62 12.77
N ILE A 352 40.13 -7.50 13.35
CA ILE A 352 40.59 -8.46 14.34
C ILE A 352 39.95 -9.81 14.06
N GLU A 353 40.77 -10.85 13.92
CA GLU A 353 40.28 -12.20 13.73
C GLU A 353 40.30 -12.91 15.09
N ARG A 354 39.12 -13.17 15.63
CA ARG A 354 38.96 -13.90 16.89
C ARG A 354 39.56 -13.12 18.05
N ALA A 355 38.89 -12.02 18.39
CA ALA A 355 39.28 -11.21 19.53
C ALA A 355 39.27 -12.06 20.79
N THR A 356 40.02 -11.60 21.80
CA THR A 356 40.08 -12.33 23.07
C THR A 356 38.81 -12.14 23.88
N GLY A 357 38.24 -10.94 23.85
CA GLY A 357 37.03 -10.66 24.59
C GLY A 357 37.30 -9.95 25.91
N ASP A 358 38.07 -8.86 25.86
CA ASP A 358 38.40 -8.06 27.03
C ASP A 358 37.70 -6.71 26.85
N VAL A 359 36.47 -6.61 27.35
CA VAL A 359 35.59 -5.48 27.04
C VAL A 359 35.50 -4.60 28.28
N GLU A 360 35.70 -3.29 28.10
CA GLU A 360 35.73 -2.37 29.23
C GLU A 360 35.01 -1.08 28.89
N PHE A 361 33.96 -0.77 29.65
CA PHE A 361 33.33 0.56 29.62
C PHE A 361 34.12 1.50 30.52
N ARG A 362 34.63 2.58 29.93
CA ARG A 362 35.32 3.62 30.67
C ARG A 362 34.59 4.94 30.45
N ASN A 363 33.86 5.37 31.48
CA ASN A 363 33.25 6.69 31.52
C ASN A 363 32.17 6.84 30.44
N VAL A 364 31.36 5.81 30.28
CA VAL A 364 30.37 5.77 29.20
C VAL A 364 29.10 6.45 29.65
N THR A 365 28.69 7.47 28.90
CA THR A 365 27.39 8.11 29.05
C THR A 365 26.75 8.20 27.67
N PHE A 366 25.44 8.01 27.62
CA PHE A 366 24.78 7.87 26.32
C PHE A 366 23.28 8.12 26.48
N THR A 367 22.73 8.90 25.56
CA THR A 367 21.30 9.20 25.50
C THR A 367 20.78 8.83 24.12
N TYR A 368 19.70 8.06 24.09
CA TYR A 368 19.13 7.68 22.81
C TYR A 368 18.80 8.91 21.98
N PRO A 369 18.81 8.80 20.66
CA PRO A 369 18.51 9.97 19.82
C PRO A 369 17.13 10.54 20.14
N GLY A 370 17.05 11.87 20.19
CA GLY A 370 15.79 12.56 20.37
C GLY A 370 15.35 12.72 21.80
N ARG A 371 15.75 11.79 22.67
CA ARG A 371 15.40 11.88 24.08
C ARG A 371 16.30 12.89 24.78
N ASP A 372 15.96 13.21 26.04
CA ASP A 372 16.69 14.20 26.82
C ASP A 372 17.08 13.68 28.21
N VAL A 373 16.98 12.38 28.46
CA VAL A 373 17.42 11.76 29.71
C VAL A 373 18.42 10.66 29.32
N PRO A 374 19.69 10.76 29.70
CA PRO A 374 20.64 9.71 29.32
C PRO A 374 20.17 8.34 29.78
N ALA A 375 20.31 7.36 28.90
CA ALA A 375 20.03 5.97 29.26
C ALA A 375 21.18 5.36 30.05
N LEU A 376 22.34 5.99 30.04
CA LEU A 376 23.49 5.58 30.83
C LEU A 376 24.30 6.81 31.19
N ARG A 377 24.98 6.75 32.33
CA ARG A 377 25.78 7.89 32.78
C ARG A 377 27.02 7.39 33.52
N ASN A 378 28.16 8.02 33.23
CA ASN A 378 29.44 7.70 33.85
C ASN A 378 29.59 6.19 34.08
N ILE A 379 29.13 5.39 33.13
CA ILE A 379 29.20 3.94 33.28
C ILE A 379 30.66 3.51 33.19
N ASN A 380 31.13 2.85 34.24
CA ASN A 380 32.44 2.21 34.25
C ASN A 380 32.24 0.76 34.66
N LEU A 381 32.68 -0.17 33.81
CA LEU A 381 32.65 -1.57 34.18
C LEU A 381 33.67 -2.32 33.34
N LYS A 382 34.06 -3.50 33.82
CA LYS A 382 35.12 -4.26 33.18
C LYS A 382 34.69 -5.72 33.08
N ILE A 383 34.87 -6.29 31.90
CA ILE A 383 34.51 -7.68 31.61
C ILE A 383 35.75 -8.36 31.03
N PRO A 384 36.47 -9.15 31.81
CA PRO A 384 37.65 -9.85 31.29
C PRO A 384 37.28 -11.05 30.44
N ALA A 385 38.27 -11.51 29.69
CA ALA A 385 38.05 -12.60 28.75
C ALA A 385 37.64 -13.87 29.48
N GLY A 386 36.77 -14.66 28.83
CA GLY A 386 36.40 -15.97 29.32
C GLY A 386 35.45 -15.99 30.49
N LYS A 387 35.06 -14.83 31.01
CA LYS A 387 34.25 -14.76 32.22
C LYS A 387 32.96 -14.00 31.95
N THR A 388 31.96 -14.26 32.79
CA THR A 388 30.62 -13.72 32.62
C THR A 388 30.35 -12.62 33.62
N VAL A 389 29.39 -11.77 33.28
CA VAL A 389 28.90 -10.74 34.19
C VAL A 389 27.42 -10.52 33.93
N ALA A 390 26.64 -10.44 35.00
CA ALA A 390 25.20 -10.32 34.92
C ALA A 390 24.78 -8.88 35.20
N LEU A 391 23.94 -8.34 34.35
CA LEU A 391 23.39 -7.00 34.53
C LEU A 391 21.96 -7.16 35.01
N VAL A 392 21.77 -7.12 36.32
CA VAL A 392 20.41 -7.17 36.87
C VAL A 392 20.07 -5.79 37.40
N GLY A 393 18.79 -5.47 37.36
CA GLY A 393 18.34 -4.16 37.78
C GLY A 393 16.92 -3.89 37.35
N ARG A 394 16.33 -2.85 37.93
CA ARG A 394 14.95 -2.50 37.65
C ARG A 394 14.67 -2.53 36.15
N SER A 395 13.61 -3.23 35.77
CA SER A 395 13.24 -3.32 34.37
C SER A 395 12.95 -1.93 33.81
N GLY A 396 13.35 -1.73 32.56
CA GLY A 396 13.24 -0.43 31.92
C GLY A 396 14.49 0.43 32.01
N SER A 397 15.53 -0.03 32.69
CA SER A 397 16.77 0.72 32.83
C SER A 397 17.68 0.46 31.64
N GLY A 398 18.95 0.83 31.75
CA GLY A 398 19.84 0.84 30.61
C GLY A 398 20.73 -0.38 30.44
N LYS A 399 20.46 -1.47 31.13
CA LYS A 399 21.23 -2.70 30.90
C LYS A 399 21.09 -3.15 29.46
N SER A 400 19.85 -3.15 28.95
CA SER A 400 19.64 -3.41 27.52
C SER A 400 20.43 -2.43 26.67
N THR A 401 20.45 -1.16 27.05
CA THR A 401 21.23 -0.16 26.33
C THR A 401 22.70 -0.53 26.31
N ILE A 402 23.23 -0.95 27.47
CA ILE A 402 24.61 -1.42 27.54
C ILE A 402 24.85 -2.49 26.49
N ALA A 403 24.00 -3.51 26.47
CA ALA A 403 24.14 -4.57 25.47
C ALA A 403 24.19 -3.97 24.06
N SER A 404 23.25 -3.06 23.76
CA SER A 404 23.16 -2.51 22.41
C SER A 404 24.39 -1.72 22.01
N LEU A 405 25.14 -1.18 22.98
CA LEU A 405 26.26 -0.32 22.64
C LEU A 405 27.48 -1.09 22.14
N ILE A 406 27.69 -2.32 22.62
CA ILE A 406 28.88 -3.08 22.23
C ILE A 406 28.88 -3.38 20.74
N THR A 407 27.70 -3.42 20.13
CA THR A 407 27.58 -3.75 18.72
C THR A 407 27.59 -2.53 17.82
N ARG A 408 27.75 -1.33 18.38
CA ARG A 408 27.79 -0.07 17.64
C ARG A 408 26.46 0.28 16.98
N PHE A 409 25.36 -0.40 17.35
CA PHE A 409 24.04 0.07 16.96
C PHE A 409 23.89 1.56 17.24
N TYR A 410 24.45 2.02 18.37
CA TYR A 410 24.43 3.43 18.75
C TYR A 410 25.81 3.83 19.25
N ASP A 411 26.26 5.02 18.82
CA ASP A 411 27.52 5.57 19.28
C ASP A 411 27.33 6.30 20.60
N ILE A 412 28.11 5.92 21.61
CA ILE A 412 28.03 6.64 22.86
C ILE A 412 28.35 8.12 22.62
N ASP A 413 27.92 8.95 23.57
CA ASP A 413 28.17 10.39 23.51
C ASP A 413 29.53 10.74 24.11
N GLU A 414 29.80 10.25 25.32
CA GLU A 414 31.03 10.57 26.03
C GLU A 414 31.64 9.29 26.59
N GLY A 415 32.97 9.26 26.64
CA GLY A 415 33.68 8.14 27.21
C GLY A 415 34.28 7.23 26.15
N GLU A 416 34.33 5.93 26.44
CA GLU A 416 34.94 5.01 25.51
C GLU A 416 34.63 3.58 25.93
N ILE A 417 34.30 2.74 24.94
CA ILE A 417 34.12 1.31 25.15
C ILE A 417 35.25 0.59 24.42
N LEU A 418 35.97 -0.25 25.14
CA LEU A 418 37.19 -0.88 24.66
C LEU A 418 36.95 -2.37 24.41
N MET A 419 37.45 -2.87 23.29
CA MET A 419 37.53 -4.30 23.01
C MET A 419 39.00 -4.64 22.81
N ASP A 420 39.56 -5.37 23.77
CA ASP A 420 40.98 -5.67 23.78
C ASP A 420 41.79 -4.37 23.79
N HIS A 422 41.41 -1.11 22.68
CA HIS A 422 41.06 -0.26 21.54
C HIS A 422 39.56 0.06 21.54
N ASP A 423 39.23 1.32 21.23
CA ASP A 423 37.85 1.75 21.19
C ASP A 423 37.10 1.03 20.07
N LEU A 424 35.85 0.66 20.34
CA LEU A 424 35.06 -0.03 19.32
C LEU A 424 35.07 0.75 18.01
N ARG A 425 35.04 2.07 18.09
CA ARG A 425 35.02 2.91 16.90
C ARG A 425 36.35 2.90 16.16
N GLU A 426 37.40 2.34 16.75
CA GLU A 426 38.62 2.06 16.00
C GLU A 426 38.46 0.86 15.08
N TYR A 427 37.51 -0.03 15.36
CA TYR A 427 37.35 -1.25 14.60
C TYR A 427 36.38 -1.05 13.44
N THR A 428 36.61 -1.79 12.36
CA THR A 428 35.60 -1.95 11.33
C THR A 428 34.34 -2.50 11.97
N LEU A 429 33.18 -2.00 11.53
CA LEU A 429 31.91 -2.52 12.06
C LEU A 429 31.77 -4.00 11.78
N ALA A 430 32.18 -4.43 10.59
CA ALA A 430 32.13 -5.85 10.25
C ALA A 430 32.96 -6.69 11.24
N SER A 431 34.24 -6.35 11.38
CA SER A 431 35.11 -7.11 12.28
C SER A 431 34.62 -7.03 13.72
N LEU A 432 34.23 -5.83 14.16
CA LEU A 432 33.68 -5.67 15.50
C LEU A 432 32.49 -6.59 15.73
N ARG A 433 31.62 -6.72 14.73
CA ARG A 433 30.36 -7.44 14.88
C ARG A 433 30.52 -8.94 14.72
N ASN A 434 31.55 -9.40 14.03
CA ASN A 434 31.82 -10.83 13.99
C ASN A 434 32.33 -11.35 15.33
N GLN A 435 32.76 -10.45 16.22
CA GLN A 435 33.21 -10.87 17.55
C GLN A 435 32.05 -11.12 18.50
N VAL A 436 30.87 -10.58 18.20
CA VAL A 436 29.75 -10.55 19.13
C VAL A 436 28.71 -11.55 18.68
N ALA A 437 28.16 -12.31 19.63
CA ALA A 437 27.11 -13.29 19.37
C ALA A 437 25.93 -12.97 20.27
N LEU A 438 24.77 -12.78 19.66
CA LEU A 438 23.57 -12.38 20.40
C LEU A 438 22.66 -13.58 20.56
N VAL A 439 22.32 -13.91 21.80
CA VAL A 439 21.37 -14.98 22.11
C VAL A 439 20.22 -14.34 22.89
N SER A 440 19.04 -14.32 22.26
CA SER A 440 17.82 -13.90 22.94
C SER A 440 16.67 -14.70 22.37
N GLN A 441 15.48 -14.50 22.93
CA GLN A 441 14.29 -15.17 22.40
C GLN A 441 13.80 -14.48 21.13
N ASN A 442 14.04 -13.18 21.00
CA ASN A 442 13.56 -12.40 19.88
C ASN A 442 14.52 -12.41 18.70
N VAL A 443 15.40 -13.40 18.60
CA VAL A 443 16.16 -13.60 17.38
C VAL A 443 15.19 -13.73 16.22
N HIS A 444 15.62 -13.26 15.05
CA HIS A 444 14.80 -13.38 13.84
C HIS A 444 15.09 -14.69 13.15
N LEU A 445 14.02 -15.39 12.78
CA LEU A 445 14.12 -16.65 12.05
C LEU A 445 13.83 -16.36 10.58
N PHE A 446 14.89 -16.18 9.80
CA PHE A 446 14.75 -16.04 8.37
C PHE A 446 14.03 -17.27 7.81
N ASN A 447 13.09 -17.04 6.90
CA ASN A 447 12.34 -18.17 6.34
C ASN A 447 13.26 -18.94 5.41
N ASP A 448 13.75 -20.08 5.90
CA ASP A 448 14.70 -20.94 5.20
C ASP A 448 14.81 -22.22 6.03
N THR A 449 15.72 -23.11 5.66
CA THR A 449 15.85 -24.35 6.41
C THR A 449 16.40 -24.07 7.81
N VAL A 450 16.21 -25.05 8.70
CA VAL A 450 16.77 -24.95 10.05
C VAL A 450 18.29 -24.90 9.97
N ALA A 451 18.89 -25.79 9.19
CA ALA A 451 20.34 -25.80 9.04
C ALA A 451 20.85 -24.46 8.55
N ASN A 452 20.17 -23.85 7.59
CA ASN A 452 20.59 -22.56 7.06
C ASN A 452 20.27 -21.40 7.99
N ASN A 453 19.37 -21.60 8.96
CA ASN A 453 19.18 -20.62 10.01
C ASN A 453 20.27 -20.72 11.07
N ILE A 454 20.75 -21.94 11.33
CA ILE A 454 21.84 -22.14 12.29
C ILE A 454 23.17 -21.66 11.70
N ALA A 455 23.30 -21.69 10.37
CA ALA A 455 24.49 -21.19 9.71
C ALA A 455 24.10 -20.06 8.76
N TYR A 456 23.50 -19.01 9.32
CA TYR A 456 22.84 -17.98 8.53
C TYR A 456 23.64 -17.54 7.32
N ALA A 457 24.76 -16.85 7.53
CA ALA A 457 25.53 -16.27 6.44
C ALA A 457 26.84 -17.01 6.17
N ARG A 458 26.93 -18.27 6.57
CA ARG A 458 28.15 -19.05 6.38
C ARG A 458 27.82 -20.48 5.97
N THR A 459 26.76 -20.65 5.16
CA THR A 459 26.42 -21.97 4.65
C THR A 459 27.61 -22.63 3.96
N GLU A 460 28.45 -21.83 3.29
CA GLU A 460 29.59 -22.37 2.56
C GLU A 460 30.75 -22.76 3.49
N GLN A 461 30.83 -22.19 4.70
CA GLN A 461 32.00 -22.35 5.55
C GLN A 461 31.87 -23.48 6.57
N TYR A 462 30.65 -23.93 6.87
CA TYR A 462 30.42 -24.93 7.91
C TYR A 462 29.81 -26.19 7.32
N SER A 463 30.39 -27.33 7.68
CA SER A 463 29.99 -28.64 7.17
C SER A 463 28.68 -29.08 7.80
N ARG A 464 28.09 -30.12 7.20
CA ARG A 464 26.84 -30.65 7.72
C ARG A 464 27.02 -31.21 9.13
N GLU A 465 28.03 -32.06 9.32
CA GLU A 465 28.31 -32.59 10.64
C GLU A 465 28.54 -31.46 11.65
N GLN A 466 29.22 -30.40 11.24
CA GLN A 466 29.40 -29.23 12.08
C GLN A 466 28.04 -28.71 12.58
N ILE A 467 27.10 -28.50 11.66
CA ILE A 467 25.78 -27.96 12.00
C ILE A 467 25.01 -28.94 12.88
N GLU A 468 25.07 -30.23 12.53
CA GLU A 468 24.44 -31.26 13.35
C GLU A 468 24.88 -31.15 14.80
N GLU A 469 26.20 -31.15 15.02
CA GLU A 469 26.70 -31.09 16.39
C GLU A 469 26.36 -29.76 17.05
N ALA A 470 26.33 -28.67 16.29
CA ALA A 470 25.91 -27.40 16.88
C ALA A 470 24.50 -27.51 17.44
N ALA A 471 23.57 -28.07 16.67
CA ALA A 471 22.20 -28.22 17.16
C ALA A 471 22.12 -29.22 18.30
N ARG A 472 22.94 -30.28 18.27
CA ARG A 472 22.93 -31.26 19.35
C ARG A 472 23.38 -30.63 20.67
N MET A 473 24.46 -29.84 20.62
CA MET A 473 25.00 -29.24 21.83
C MET A 473 24.12 -28.11 22.36
N ALA A 474 23.25 -27.55 21.52
CA ALA A 474 22.28 -26.56 21.96
C ALA A 474 20.98 -27.18 22.45
N TYR A 475 20.96 -28.50 22.66
CA TYR A 475 19.80 -29.20 23.19
C TYR A 475 18.52 -28.82 22.45
N ALA A 476 18.65 -28.70 21.12
CA ALA A 476 17.55 -28.31 20.27
C ALA A 476 16.96 -29.47 19.48
N MET A 477 17.65 -30.61 19.43
CA MET A 477 17.25 -31.68 18.52
C MET A 477 15.99 -32.42 18.96
N ASP A 478 15.54 -32.24 20.20
CA ASP A 478 14.30 -32.89 20.61
C ASP A 478 13.12 -32.37 19.79
N PHE A 479 13.07 -31.06 19.54
CA PHE A 479 11.99 -30.49 18.75
C PHE A 479 12.32 -30.42 17.26
N ILE A 480 13.59 -30.55 16.89
CA ILE A 480 13.93 -30.65 15.48
C ILE A 480 13.55 -32.03 14.95
N ASN A 481 13.91 -33.07 15.68
CA ASN A 481 13.55 -34.43 15.28
C ASN A 481 12.05 -34.62 15.19
N LYS A 482 11.26 -33.70 15.74
CA LYS A 482 9.82 -33.72 15.61
C LYS A 482 9.32 -32.95 14.39
N MET A 483 10.21 -32.28 13.66
CA MET A 483 9.80 -31.53 12.48
C MET A 483 9.36 -32.49 11.37
N ASP A 484 8.78 -31.92 10.31
CA ASP A 484 8.33 -32.73 9.18
C ASP A 484 9.51 -33.42 8.51
N ASN A 485 10.48 -32.63 8.02
CA ASN A 485 11.72 -33.15 7.46
C ASN A 485 12.88 -33.04 8.44
N GLY A 486 12.58 -33.01 9.73
CA GLY A 486 13.63 -32.88 10.73
C GLY A 486 14.45 -31.63 10.51
N LEU A 487 15.78 -31.82 10.45
CA LEU A 487 16.69 -30.69 10.41
C LEU A 487 16.60 -29.90 9.10
N ASP A 488 16.11 -30.52 8.02
CA ASP A 488 15.95 -29.81 6.77
C ASP A 488 14.55 -29.23 6.59
N THR A 489 13.67 -29.38 7.58
CA THR A 489 12.38 -28.72 7.52
C THR A 489 12.59 -27.20 7.42
N VAL A 490 11.63 -26.52 6.80
CA VAL A 490 11.70 -25.09 6.58
C VAL A 490 10.98 -24.39 7.72
N ILE A 491 11.74 -23.81 8.64
CA ILE A 491 11.19 -22.93 9.65
C ILE A 491 11.07 -21.55 9.04
N GLY A 492 10.44 -20.63 9.76
CA GLY A 492 10.20 -19.32 9.23
C GLY A 492 8.74 -19.09 8.90
N GLU A 493 8.47 -18.63 7.68
CA GLU A 493 7.17 -18.05 7.39
C GLU A 493 6.84 -17.03 8.48
N ASN A 494 7.90 -16.30 8.89
CA ASN A 494 7.87 -15.39 10.03
C ASN A 494 7.69 -16.13 11.36
N GLY A 495 8.24 -17.33 11.44
CA GLY A 495 8.53 -17.99 12.70
C GLY A 495 7.37 -18.70 13.37
N VAL A 496 6.25 -18.90 12.69
CA VAL A 496 5.11 -19.56 13.32
C VAL A 496 5.51 -20.93 13.87
N LEU A 497 6.33 -21.65 13.12
CA LEU A 497 6.61 -23.05 13.44
C LEU A 497 7.42 -23.22 14.73
N LEU A 498 7.98 -22.15 15.29
CA LEU A 498 8.87 -22.27 16.44
C LEU A 498 8.36 -21.41 17.60
N SER A 499 8.31 -22.03 18.78
CA SER A 499 8.03 -21.33 20.03
C SER A 499 9.32 -20.66 20.53
N GLY A 500 9.16 -19.82 21.55
CA GLY A 500 10.29 -19.03 22.05
C GLY A 500 11.38 -19.89 22.67
N GLY A 501 10.98 -20.82 23.54
CA GLY A 501 11.95 -21.72 24.14
C GLY A 501 12.76 -22.49 23.13
N GLN A 502 12.26 -22.62 21.91
CA GLN A 502 12.99 -23.23 20.81
C GLN A 502 13.84 -22.22 20.04
N ARG A 503 13.34 -20.98 19.92
CA ARG A 503 14.15 -19.92 19.33
C ARG A 503 15.44 -19.71 20.11
N GLN A 504 15.36 -19.76 21.44
CA GLN A 504 16.59 -19.63 22.24
C GLN A 504 17.61 -20.66 21.84
N ARG A 505 17.21 -21.93 21.82
CA ARG A 505 18.15 -23.00 21.50
C ARG A 505 18.68 -22.85 20.08
N ILE A 506 17.89 -22.32 19.15
CA ILE A 506 18.40 -22.10 17.80
C ILE A 506 19.47 -20.99 17.81
N ALA A 507 19.20 -19.90 18.51
CA ALA A 507 20.20 -18.84 18.67
C ALA A 507 21.47 -19.39 19.31
N ILE A 508 21.31 -20.23 20.33
CA ILE A 508 22.44 -20.87 20.99
C ILE A 508 23.21 -21.74 20.00
N ALA A 509 22.50 -22.41 19.10
CA ALA A 509 23.16 -23.21 18.08
C ALA A 509 23.99 -22.33 17.15
N ARG A 510 23.42 -21.21 16.70
CA ARG A 510 24.19 -20.24 15.93
C ARG A 510 25.49 -19.88 16.65
N ALA A 511 25.37 -19.50 17.92
CA ALA A 511 26.54 -19.04 18.67
C ALA A 511 27.56 -20.15 18.85
N LEU A 512 27.11 -21.36 19.19
CA LEU A 512 28.04 -22.48 19.34
C LEU A 512 28.77 -22.75 18.03
N LEU A 513 28.05 -22.77 16.92
CA LEU A 513 28.69 -23.01 15.63
C LEU A 513 29.77 -21.98 15.37
N ARG A 514 29.41 -20.69 15.46
CA ARG A 514 30.39 -19.65 15.12
C ARG A 514 31.48 -19.54 16.17
N ASP A 515 31.18 -19.86 17.43
CA ASP A 515 32.16 -19.77 18.51
C ASP A 515 32.78 -18.37 18.58
N SER A 516 31.91 -17.37 18.69
CA SER A 516 32.37 -16.00 18.81
C SER A 516 32.94 -15.75 20.20
N PRO A 517 33.85 -14.77 20.34
CA PRO A 517 34.53 -14.58 21.63
C PRO A 517 33.77 -13.76 22.65
N ILE A 518 32.72 -13.06 22.26
CA ILE A 518 31.99 -12.16 23.15
C ILE A 518 30.50 -12.46 23.01
N LEU A 519 29.88 -12.90 24.10
CA LEU A 519 28.47 -13.25 24.10
C LEU A 519 27.64 -12.16 24.73
N ILE A 520 26.49 -11.87 24.13
CA ILE A 520 25.46 -11.02 24.71
C ILE A 520 24.23 -11.90 24.88
N LEU A 521 23.88 -12.20 26.13
CA LEU A 521 22.74 -13.05 26.44
C LEU A 521 21.63 -12.21 27.05
N ASP A 522 20.45 -12.29 26.45
CA ASP A 522 19.28 -11.53 26.91
C ASP A 522 18.23 -12.52 27.39
N GLU A 523 18.23 -12.81 28.68
CA GLU A 523 17.15 -13.58 29.29
C GLU A 523 15.95 -12.71 29.65
N ALA A 524 16.07 -11.39 29.50
CA ALA A 524 14.95 -10.49 29.80
C ALA A 524 13.70 -10.93 29.04
N THR A 525 13.80 -10.99 27.71
CA THR A 525 12.70 -11.47 26.89
C THR A 525 12.60 -12.99 26.85
N SER A 526 13.54 -13.70 27.46
CA SER A 526 13.48 -15.15 27.45
C SER A 526 12.37 -15.64 28.37
N ALA A 527 11.84 -16.82 28.03
CA ALA A 527 10.74 -17.44 28.77
C ALA A 527 11.30 -18.62 29.56
N LEU A 528 11.32 -18.48 30.89
CA LEU A 528 11.69 -19.57 31.76
C LEU A 528 10.59 -20.61 31.89
N ASP A 529 9.39 -20.32 31.37
CA ASP A 529 8.30 -21.29 31.31
C ASP A 529 8.46 -22.13 30.05
N THR A 530 9.40 -23.07 30.11
CA THR A 530 9.68 -23.98 29.01
C THR A 530 9.72 -25.39 29.57
N GLU A 531 8.87 -26.27 29.02
CA GLU A 531 8.87 -27.68 29.39
C GLU A 531 10.30 -28.20 29.46
N SER A 532 11.15 -27.70 28.57
CA SER A 532 12.58 -27.97 28.58
C SER A 532 13.31 -26.66 28.87
N GLU A 533 13.57 -26.39 30.16
CA GLU A 533 14.49 -25.31 30.52
C GLU A 533 15.73 -25.79 31.24
N ARG A 534 15.71 -26.98 31.86
CA ARG A 534 16.96 -27.56 32.33
C ARG A 534 17.89 -27.83 31.15
N ALA A 535 17.31 -28.14 29.98
CA ALA A 535 18.10 -28.29 28.77
C ALA A 535 18.62 -26.94 28.27
N ILE A 536 17.79 -25.89 28.32
CA ILE A 536 18.27 -24.56 27.97
C ILE A 536 19.39 -24.14 28.91
N GLN A 537 19.26 -24.46 30.19
CA GLN A 537 20.30 -24.12 31.16
C GLN A 537 21.60 -24.87 30.86
N ALA A 538 21.52 -26.17 30.52
CA ALA A 538 22.72 -26.92 30.17
C ALA A 538 23.35 -26.38 28.88
N ALA A 539 22.53 -26.04 27.90
CA ALA A 539 23.02 -25.40 26.68
C ALA A 539 23.79 -24.13 27.01
N LEU A 540 23.25 -23.29 27.89
CA LEU A 540 23.94 -22.05 28.26
C LEU A 540 25.25 -22.34 28.99
N ASP A 541 25.20 -23.24 29.97
CA ASP A 541 26.42 -23.62 30.69
C ASP A 541 27.52 -24.02 29.72
N GLU A 542 27.17 -24.88 28.75
CA GLU A 542 28.16 -25.32 27.77
C GLU A 542 28.57 -24.19 26.83
N LEU A 543 27.66 -23.23 26.60
CA LEU A 543 27.97 -22.13 25.70
C LEU A 543 29.03 -21.21 26.28
N GLN A 544 28.88 -20.82 27.55
CA GLN A 544 29.70 -19.75 28.09
C GLN A 544 30.93 -20.23 28.87
N LYS A 545 31.17 -21.54 28.93
CA LYS A 545 32.43 -22.04 29.49
C LYS A 545 33.60 -21.24 28.96
N ASN A 546 33.62 -21.00 27.65
CA ASN A 546 34.83 -20.55 26.97
C ASN A 546 35.01 -19.04 27.09
N ARG A 547 33.96 -18.27 26.88
CA ARG A 547 34.12 -16.90 26.42
C ARG A 547 33.57 -15.87 27.38
N THR A 548 34.03 -14.64 27.17
CA THR A 548 33.39 -13.45 27.72
C THR A 548 31.89 -13.50 27.51
N SER A 549 31.14 -13.13 28.55
CA SER A 549 29.69 -13.11 28.48
C SER A 549 29.15 -11.87 29.17
N LEU A 550 28.09 -11.31 28.60
CA LEU A 550 27.39 -10.16 29.17
C LEU A 550 25.92 -10.54 29.20
N VAL A 551 25.42 -10.84 30.39
CA VAL A 551 24.06 -11.35 30.55
C VAL A 551 23.21 -10.22 31.13
N ILE A 552 22.10 -9.92 30.44
CA ILE A 552 21.02 -9.17 31.05
C ILE A 552 20.18 -10.19 31.80
N ALA A 553 20.66 -10.57 32.99
CA ALA A 553 20.26 -11.81 33.63
C ALA A 553 18.86 -11.72 34.24
N HIS A 554 18.15 -12.85 34.16
CA HIS A 554 16.89 -13.00 34.86
C HIS A 554 16.67 -14.42 35.35
N ARG A 555 17.67 -15.29 35.34
CA ARG A 555 17.52 -16.68 35.75
C ARG A 555 18.31 -16.94 37.02
N LEU A 556 17.83 -17.92 37.81
CA LEU A 556 18.57 -18.34 38.99
C LEU A 556 19.92 -18.94 38.59
N SER A 557 19.96 -19.67 37.48
CA SER A 557 21.16 -20.41 37.11
C SER A 557 22.31 -19.46 36.80
N THR A 558 22.06 -18.46 35.95
CA THR A 558 23.13 -17.59 35.49
C THR A 558 23.64 -16.68 36.61
N ILE A 559 22.73 -16.06 37.35
CA ILE A 559 23.15 -15.25 38.49
C ILE A 559 23.82 -16.12 39.54
N GLU A 560 23.47 -17.41 39.59
CA GLU A 560 24.13 -18.33 40.50
C GLU A 560 25.59 -18.52 40.10
N LYS A 561 25.84 -18.77 38.82
CA LYS A 561 27.20 -19.04 38.36
C LYS A 561 27.96 -17.78 37.91
N ALA A 562 27.29 -16.64 37.77
CA ALA A 562 27.95 -15.46 37.25
C ALA A 562 29.18 -15.10 38.08
N ASP A 563 30.22 -14.60 37.40
CA ASP A 563 31.43 -14.19 38.10
C ASP A 563 31.23 -12.86 38.83
N GLU A 564 30.52 -11.93 38.21
CA GLU A 564 30.20 -10.64 38.80
C GLU A 564 28.75 -10.29 38.50
N ILE A 565 28.07 -9.73 39.51
CA ILE A 565 26.71 -9.22 39.35
C ILE A 565 26.77 -7.71 39.52
N VAL A 566 26.16 -6.98 38.59
CA VAL A 566 26.08 -5.54 38.69
C VAL A 566 24.61 -5.14 38.73
N VAL A 567 24.28 -4.23 39.64
CA VAL A 567 22.92 -3.75 39.86
C VAL A 567 22.80 -2.36 39.25
N VAL A 568 21.88 -2.23 38.30
CA VAL A 568 21.73 -1.01 37.51
C VAL A 568 20.39 -0.37 37.84
N GLU A 569 20.41 0.93 38.11
CA GLU A 569 19.18 1.71 38.17
C GLU A 569 19.42 3.09 37.60
N ASP A 570 18.45 3.58 36.83
CA ASP A 570 18.51 4.92 36.23
C ASP A 570 19.82 5.11 35.46
N GLY A 571 20.29 4.04 34.82
CA GLY A 571 21.51 4.10 34.05
C GLY A 571 22.75 4.34 34.89
N VAL A 572 22.79 3.77 36.10
CA VAL A 572 23.96 3.88 36.96
C VAL A 572 24.20 2.53 37.62
N ILE A 573 25.48 2.15 37.69
CA ILE A 573 25.91 0.98 38.47
C ILE A 573 26.00 1.42 39.92
N VAL A 574 25.13 0.88 40.77
CA VAL A 574 25.13 1.25 42.18
C VAL A 574 25.75 0.20 43.10
N GLU A 575 25.83 -1.06 42.69
CA GLU A 575 26.48 -2.09 43.49
C GLU A 575 27.09 -3.11 42.55
N ARG A 576 28.34 -3.48 42.81
CA ARG A 576 29.03 -4.53 42.09
C ARG A 576 29.54 -5.56 43.09
N GLY A 577 29.46 -6.83 42.72
CA GLY A 577 29.98 -7.87 43.57
C GLY A 577 29.44 -9.23 43.17
N THR A 578 29.92 -10.24 43.88
CA THR A 578 29.46 -11.60 43.67
C THR A 578 28.11 -11.81 44.34
N HIS A 579 27.39 -12.81 43.86
CA HIS A 579 26.10 -13.16 44.44
C HIS A 579 26.22 -13.34 45.95
N ASN A 580 27.10 -14.26 46.37
CA ASN A 580 27.27 -14.53 47.79
C ASN A 580 27.81 -13.31 48.53
N ASP A 581 28.73 -12.58 47.93
CA ASP A 581 29.30 -11.43 48.62
C ASP A 581 28.30 -10.28 48.73
N LEU A 582 27.42 -10.13 47.74
CA LEU A 582 26.37 -9.12 47.82
C LEU A 582 25.22 -9.55 48.72
N LEU A 583 25.11 -10.84 49.05
CA LEU A 583 24.13 -11.26 50.04
C LEU A 583 24.69 -11.20 51.47
N GLU A 584 25.97 -11.53 51.64
CA GLU A 584 26.64 -11.19 52.90
C GLU A 584 26.54 -9.69 53.15
N HIS A 585 27.01 -8.89 52.19
CA HIS A 585 26.74 -7.46 52.17
C HIS A 585 25.27 -7.17 52.45
N ARG A 586 24.38 -7.81 51.69
CA ARG A 586 22.94 -7.73 51.92
C ARG A 586 22.45 -6.28 51.85
N GLY A 587 22.83 -5.60 50.77
CA GLY A 587 22.40 -4.23 50.55
C GLY A 587 21.28 -4.13 49.55
N VAL A 588 21.55 -3.48 48.41
CA VAL A 588 20.55 -3.36 47.35
C VAL A 588 20.35 -4.70 46.65
N TYR A 589 21.42 -5.47 46.49
CA TYR A 589 21.29 -6.78 45.86
C TYR A 589 20.35 -7.66 46.66
N ALA A 590 20.47 -7.67 48.00
CA ALA A 590 19.57 -8.47 48.81
C ALA A 590 18.15 -7.90 48.78
N GLN A 591 17.99 -6.59 48.57
CA GLN A 591 16.66 -6.03 48.34
C GLN A 591 16.03 -6.63 47.10
N LEU A 592 16.80 -6.72 46.01
CA LEU A 592 16.28 -7.37 44.81
C LEU A 592 16.02 -8.86 45.07
N HIS A 593 16.91 -9.49 45.82
CA HIS A 593 16.72 -10.90 46.19
C HIS A 593 15.38 -11.10 46.87
N LYS A 594 15.06 -10.25 47.84
CA LYS A 594 13.77 -10.32 48.51
C LYS A 594 12.63 -10.02 47.55
N MET A 595 12.81 -9.03 46.68
CA MET A 595 11.75 -8.66 45.75
C MET A 595 11.54 -9.75 44.71
N GLN A 596 12.63 -10.25 44.11
CA GLN A 596 12.54 -11.40 43.21
C GLN A 596 13.20 -12.62 43.86
N LEU B 24 -25.95 -16.52 -14.69
CA LEU B 24 -27.08 -16.48 -13.78
C LEU B 24 -26.79 -15.57 -12.58
N SER B 25 -25.63 -15.77 -11.94
CA SER B 25 -25.23 -14.95 -10.81
C SER B 25 -24.86 -13.54 -11.26
N THR B 26 -24.10 -13.44 -12.36
CA THR B 26 -23.64 -12.15 -12.85
C THR B 26 -24.78 -11.16 -13.02
N TRP B 27 -25.99 -11.65 -13.29
CA TRP B 27 -27.15 -10.78 -13.45
C TRP B 27 -28.03 -10.70 -12.20
N GLN B 28 -28.11 -11.78 -11.43
CA GLN B 28 -28.82 -11.72 -10.16
C GLN B 28 -28.19 -10.69 -9.23
N THR B 29 -26.86 -10.59 -9.25
CA THR B 29 -26.18 -9.58 -8.44
C THR B 29 -26.56 -8.18 -8.90
N PHE B 30 -26.57 -7.94 -10.20
CA PHE B 30 -26.97 -6.62 -10.69
C PHE B 30 -28.41 -6.31 -10.30
N ARG B 31 -29.27 -7.32 -10.21
CA ARG B 31 -30.65 -7.01 -9.83
C ARG B 31 -30.80 -6.80 -8.33
N ARG B 32 -29.97 -7.46 -7.51
CA ARG B 32 -29.88 -7.06 -6.11
C ARG B 32 -29.36 -5.64 -5.97
N LEU B 33 -28.54 -5.19 -6.92
CA LEU B 33 -27.96 -3.85 -6.87
C LEU B 33 -28.90 -2.77 -7.41
N TRP B 34 -29.72 -3.11 -8.40
CA TRP B 34 -30.55 -2.14 -9.09
C TRP B 34 -31.40 -1.32 -8.12
N PRO B 35 -31.88 -1.92 -7.02
CA PRO B 35 -32.62 -1.09 -6.05
C PRO B 35 -31.82 0.11 -5.55
N THR B 36 -30.51 -0.04 -5.37
CA THR B 36 -29.69 1.09 -4.94
C THR B 36 -29.54 2.13 -6.03
N ILE B 37 -29.69 1.75 -7.30
CA ILE B 37 -29.51 2.70 -8.39
C ILE B 37 -30.81 3.38 -8.80
N ALA B 38 -31.95 2.69 -8.70
CA ALA B 38 -33.24 3.10 -9.23
C ALA B 38 -33.64 4.49 -8.75
N PRO B 39 -33.23 4.92 -7.55
CA PRO B 39 -33.53 6.30 -7.17
C PRO B 39 -32.94 7.32 -8.13
N PHE B 40 -32.02 6.88 -9.00
CA PHE B 40 -31.27 7.80 -9.85
C PHE B 40 -31.39 7.49 -11.35
N LYS B 41 -32.25 6.55 -11.76
CA LYS B 41 -32.46 6.28 -13.18
C LYS B 41 -32.75 7.55 -13.97
N ALA B 42 -33.26 8.58 -13.28
CA ALA B 42 -33.53 9.86 -13.92
C ALA B 42 -32.29 10.43 -14.60
N GLY B 43 -31.10 10.19 -14.04
CA GLY B 43 -29.89 10.63 -14.69
C GLY B 43 -29.47 9.70 -15.81
N LEU B 44 -29.70 8.40 -15.65
CA LEU B 44 -29.27 7.42 -16.63
C LEU B 44 -29.94 7.67 -17.98
N ILE B 45 -31.24 7.91 -17.98
CA ILE B 45 -31.91 8.06 -19.28
C ILE B 45 -31.45 9.34 -19.99
N VAL B 46 -31.26 10.42 -19.23
CA VAL B 46 -30.76 11.67 -19.80
C VAL B 46 -29.38 11.45 -20.43
N ALA B 47 -28.49 10.81 -19.67
CA ALA B 47 -27.18 10.46 -20.21
C ALA B 47 -27.33 9.64 -21.49
N GLY B 48 -28.30 8.72 -21.52
CA GLY B 48 -28.45 7.86 -22.68
C GLY B 48 -28.79 8.64 -23.94
N VAL B 49 -29.73 9.57 -23.82
CA VAL B 49 -30.07 10.38 -24.99
C VAL B 49 -28.86 11.20 -25.44
N ALA B 50 -28.11 11.75 -24.47
CA ALA B 50 -26.91 12.51 -24.83
C ALA B 50 -25.93 11.64 -25.63
N LEU B 51 -25.73 10.40 -25.20
CA LEU B 51 -24.85 9.48 -25.92
C LEU B 51 -25.35 9.23 -27.33
N ILE B 52 -26.65 8.98 -27.48
CA ILE B 52 -27.23 8.75 -28.81
C ILE B 52 -26.88 9.92 -29.73
N LEU B 53 -27.18 11.14 -29.27
CA LEU B 53 -26.93 12.30 -30.12
C LEU B 53 -25.45 12.50 -30.39
N ASN B 54 -24.57 12.10 -29.47
CA ASN B 54 -23.13 12.21 -29.71
C ASN B 54 -22.69 11.31 -30.87
N ALA B 55 -23.07 10.03 -30.80
CA ALA B 55 -22.82 9.13 -31.92
C ALA B 55 -23.34 9.73 -33.22
N ALA B 56 -24.55 10.31 -33.17
CA ALA B 56 -25.14 10.86 -34.38
C ALA B 56 -24.32 12.01 -34.95
N SER B 57 -23.79 12.88 -34.09
CA SER B 57 -22.95 13.98 -34.57
C SER B 57 -21.70 13.45 -35.27
N ASP B 58 -21.00 12.52 -34.61
CA ASP B 58 -19.81 11.95 -35.22
C ASP B 58 -20.13 11.31 -36.56
N THR B 59 -21.33 10.75 -36.70
CA THR B 59 -21.71 10.15 -37.98
C THR B 59 -22.05 11.20 -39.03
N PHE B 60 -22.69 12.30 -38.62
CA PHE B 60 -23.06 13.33 -39.57
C PHE B 60 -21.83 13.99 -40.19
N MET B 61 -20.73 14.06 -39.45
CA MET B 61 -19.53 14.67 -40.06
C MET B 61 -18.94 13.78 -41.16
N LEU B 62 -18.80 12.48 -40.90
CA LEU B 62 -18.44 11.56 -41.97
C LEU B 62 -19.40 11.68 -43.15
N SER B 63 -20.69 11.88 -42.86
CA SER B 63 -21.65 12.15 -43.94
C SER B 63 -21.18 13.34 -44.77
N LEU B 64 -20.98 14.49 -44.10
CA LEU B 64 -20.52 15.70 -44.79
C LEU B 64 -19.30 15.45 -45.64
N LEU B 65 -18.51 14.43 -45.30
CA LEU B 65 -17.30 14.15 -46.07
C LEU B 65 -17.57 14.08 -47.58
N LYS B 66 -18.74 13.58 -48.01
CA LYS B 66 -18.99 13.39 -49.44
C LYS B 66 -19.32 14.71 -50.14
N PRO B 67 -20.24 15.52 -49.60
CA PRO B 67 -20.44 16.86 -50.19
C PRO B 67 -19.17 17.64 -50.39
N LEU B 68 -18.34 17.82 -49.37
CA LEU B 68 -17.08 18.53 -49.55
C LEU B 68 -16.41 18.07 -50.84
N LEU B 69 -15.90 16.84 -50.87
CA LEU B 69 -15.20 16.34 -52.05
C LEU B 69 -15.99 16.57 -53.34
N ASP B 70 -17.09 15.83 -53.51
CA ASP B 70 -17.78 15.83 -54.80
C ASP B 70 -18.28 17.22 -55.18
N ASP B 71 -19.21 17.78 -54.39
CA ASP B 71 -19.82 19.06 -54.74
C ASP B 71 -18.79 20.19 -54.68
N GLY B 72 -18.14 20.38 -53.53
CA GLY B 72 -17.14 21.43 -53.39
C GLY B 72 -16.06 21.38 -54.45
N PHE B 73 -15.88 20.23 -55.11
CA PHE B 73 -14.99 20.13 -56.27
C PHE B 73 -15.69 19.49 -57.47
N GLY B 74 -17.02 19.50 -57.47
CA GLY B 74 -17.78 19.47 -58.70
C GLY B 74 -18.00 20.90 -59.15
N LYS B 75 -16.96 21.72 -59.00
CA LYS B 75 -17.00 23.13 -59.36
C LYS B 75 -18.09 23.87 -58.59
N THR B 76 -18.04 23.78 -57.25
CA THR B 76 -19.05 24.42 -56.39
C THR B 76 -18.36 24.89 -55.12
N ASP B 77 -17.76 26.07 -55.17
CA ASP B 77 -17.28 26.71 -53.94
C ASP B 77 -18.43 27.03 -53.00
N ARG B 78 -19.68 26.99 -53.51
CA ARG B 78 -20.83 27.18 -52.67
C ARG B 78 -20.79 26.23 -51.47
N SER B 79 -20.40 24.97 -51.71
CA SER B 79 -20.37 23.98 -50.64
C SER B 79 -19.14 24.17 -49.75
N VAL B 80 -17.99 24.53 -50.33
CA VAL B 80 -16.78 24.64 -49.53
C VAL B 80 -16.77 25.88 -48.65
N LEU B 81 -17.53 26.92 -49.00
CA LEU B 81 -17.62 28.11 -48.16
C LEU B 81 -18.81 28.07 -47.20
N VAL B 82 -19.99 27.66 -47.68
CA VAL B 82 -21.21 27.73 -46.88
C VAL B 82 -21.39 26.43 -46.10
N TRP B 83 -21.81 25.36 -46.80
CA TRP B 83 -22.10 24.08 -46.16
C TRP B 83 -21.12 23.77 -45.04
N MET B 84 -19.85 23.56 -45.39
CA MET B 84 -18.91 22.90 -44.50
C MET B 84 -18.46 23.80 -43.33
N PRO B 85 -17.90 24.99 -43.58
CA PRO B 85 -17.30 25.73 -42.46
C PRO B 85 -18.26 25.99 -41.31
N LEU B 86 -19.56 26.17 -41.58
CA LEU B 86 -20.52 26.45 -40.52
C LEU B 86 -21.18 25.17 -40.00
N VAL B 87 -21.49 24.20 -40.87
CA VAL B 87 -22.09 22.98 -40.36
C VAL B 87 -21.12 22.23 -39.45
N VAL B 88 -19.81 22.29 -39.72
CA VAL B 88 -18.84 21.63 -38.85
C VAL B 88 -18.88 22.25 -37.45
N ILE B 89 -18.89 23.58 -37.38
CA ILE B 89 -18.90 24.27 -36.09
C ILE B 89 -20.16 23.93 -35.31
N GLY B 90 -21.30 23.95 -36.00
CA GLY B 90 -22.55 23.56 -35.36
C GLY B 90 -22.48 22.16 -34.76
N LEU B 91 -22.05 21.21 -35.59
CA LEU B 91 -21.97 19.82 -35.14
C LEU B 91 -21.01 19.68 -33.96
N MET B 92 -19.92 20.44 -33.95
CA MET B 92 -18.97 20.33 -32.85
C MET B 92 -19.54 20.90 -31.56
N ILE B 93 -20.30 22.00 -31.65
CA ILE B 93 -20.96 22.52 -30.46
C ILE B 93 -21.89 21.44 -29.88
N LEU B 94 -22.73 20.86 -30.72
CA LEU B 94 -23.66 19.83 -30.25
C LEU B 94 -22.91 18.66 -29.63
N ARG B 95 -21.83 18.22 -30.28
CA ARG B 95 -21.00 17.15 -29.77
C ARG B 95 -20.49 17.47 -28.36
N GLY B 96 -19.89 18.65 -28.21
CA GLY B 96 -19.33 19.03 -26.92
C GLY B 96 -20.37 19.08 -25.83
N ILE B 97 -21.56 19.58 -26.14
CA ILE B 97 -22.59 19.69 -25.12
C ILE B 97 -23.11 18.31 -24.73
N THR B 98 -23.37 17.46 -25.71
CA THR B 98 -23.80 16.09 -25.39
C THR B 98 -22.76 15.40 -24.52
N SER B 99 -21.48 15.60 -24.83
CA SER B 99 -20.43 15.00 -24.03
C SER B 99 -20.50 15.52 -22.59
N TYR B 100 -20.48 16.85 -22.42
CA TYR B 100 -20.55 17.42 -21.08
C TYR B 100 -21.74 16.87 -20.30
N VAL B 101 -22.90 16.76 -20.95
CA VAL B 101 -24.12 16.40 -20.25
C VAL B 101 -24.09 14.95 -19.81
N SER B 102 -23.82 14.04 -20.75
CA SER B 102 -23.69 12.63 -20.38
C SER B 102 -22.67 12.47 -19.27
N SER B 103 -21.53 13.19 -19.37
CA SER B 103 -20.51 13.13 -18.33
C SER B 103 -21.09 13.48 -16.97
N TYR B 104 -21.76 14.64 -16.87
CA TYR B 104 -22.25 15.10 -15.57
C TYR B 104 -23.30 14.16 -15.02
N CYS B 105 -24.18 13.64 -15.88
CA CYS B 105 -25.21 12.71 -15.42
C CYS B 105 -24.60 11.44 -14.87
N ILE B 106 -23.73 10.80 -15.65
CA ILE B 106 -23.14 9.55 -15.20
C ILE B 106 -22.36 9.80 -13.92
N SER B 107 -21.61 10.90 -13.85
CA SER B 107 -20.80 11.17 -12.67
C SER B 107 -21.67 11.39 -11.45
N TRP B 108 -22.79 12.10 -11.61
CA TRP B 108 -23.70 12.31 -10.49
C TRP B 108 -24.24 10.99 -9.97
N VAL B 109 -24.77 10.15 -10.87
CA VAL B 109 -25.34 8.87 -10.43
C VAL B 109 -24.28 8.00 -9.79
N SER B 110 -23.10 7.93 -10.42
CA SER B 110 -22.04 7.06 -9.91
C SER B 110 -21.59 7.51 -8.53
N GLY B 111 -21.43 8.82 -8.35
CA GLY B 111 -21.11 9.34 -7.03
C GLY B 111 -22.16 8.97 -6.01
N LYS B 112 -23.44 9.15 -6.37
CA LYS B 112 -24.50 8.84 -5.42
C LYS B 112 -24.45 7.37 -5.00
N VAL B 113 -24.22 6.47 -5.96
CA VAL B 113 -24.27 5.05 -5.60
C VAL B 113 -23.03 4.64 -4.81
N VAL B 114 -21.86 5.15 -5.17
CA VAL B 114 -20.67 4.80 -4.39
C VAL B 114 -20.82 5.35 -2.97
N MET B 115 -21.44 6.53 -2.83
CA MET B 115 -21.67 7.07 -1.50
C MET B 115 -22.63 6.19 -0.71
N THR B 116 -23.80 5.89 -1.28
CA THR B 116 -24.76 5.02 -0.63
C THR B 116 -24.12 3.72 -0.20
N MET B 117 -23.32 3.12 -1.07
CA MET B 117 -22.75 1.80 -0.81
C MET B 117 -21.63 1.85 0.22
N ARG B 118 -20.72 2.84 0.11
CA ARG B 118 -19.71 3.01 1.13
C ARG B 118 -20.33 3.25 2.49
N ARG B 119 -21.35 4.11 2.57
CA ARG B 119 -22.02 4.37 3.85
C ARG B 119 -22.63 3.09 4.40
N ARG B 120 -23.33 2.35 3.54
CA ARG B 120 -23.94 1.09 3.95
C ARG B 120 -22.90 0.11 4.48
N LEU B 121 -21.78 -0.03 3.78
CA LEU B 121 -20.75 -0.96 4.20
C LEU B 121 -20.07 -0.50 5.48
N PHE B 122 -19.80 0.79 5.61
CA PHE B 122 -19.24 1.30 6.85
C PHE B 122 -20.14 0.93 8.02
N GLY B 123 -21.41 1.32 7.94
CA GLY B 123 -22.34 0.98 9.02
C GLY B 123 -22.37 -0.50 9.32
N HIS B 124 -22.53 -1.32 8.28
CA HIS B 124 -22.70 -2.76 8.48
C HIS B 124 -21.45 -3.37 9.10
N MET B 125 -20.29 -3.13 8.49
CA MET B 125 -19.04 -3.63 9.04
C MET B 125 -18.88 -3.21 10.49
N MET B 126 -19.18 -1.95 10.79
CA MET B 126 -19.08 -1.50 12.18
C MET B 126 -19.97 -2.35 13.08
N GLY B 127 -21.18 -2.66 12.61
CA GLY B 127 -22.09 -3.45 13.42
C GLY B 127 -21.78 -4.92 13.52
N MET B 128 -20.75 -5.42 12.85
CA MET B 128 -20.42 -6.84 12.90
C MET B 128 -19.76 -7.19 14.22
N PRO B 129 -19.70 -8.47 14.56
CA PRO B 129 -18.95 -8.90 15.74
C PRO B 129 -17.46 -9.02 15.46
N VAL B 130 -16.69 -9.18 16.54
CA VAL B 130 -15.24 -9.26 16.43
C VAL B 130 -14.81 -10.54 15.72
N SER B 131 -15.66 -11.58 15.77
CA SER B 131 -15.42 -12.77 14.97
C SER B 131 -15.27 -12.43 13.50
N PHE B 132 -15.99 -11.41 13.02
CA PHE B 132 -15.90 -11.01 11.63
C PHE B 132 -14.55 -10.36 11.32
N PHE B 133 -14.03 -9.57 12.26
CA PHE B 133 -12.77 -8.88 12.05
C PHE B 133 -11.56 -9.79 12.23
N ASP B 134 -11.69 -10.87 13.00
CA ASP B 134 -10.55 -11.76 13.19
C ASP B 134 -10.17 -12.44 11.88
N LYS B 135 -11.15 -13.03 11.18
CA LYS B 135 -10.92 -13.64 9.87
C LYS B 135 -10.16 -12.70 8.94
N GLN B 136 -10.82 -11.61 8.56
CA GLN B 136 -10.36 -10.77 7.46
C GLN B 136 -9.39 -9.71 7.93
N SER B 137 -8.50 -9.32 7.01
CA SER B 137 -7.63 -8.18 7.25
C SER B 137 -8.45 -6.92 7.40
N THR B 138 -7.90 -5.94 8.13
CA THR B 138 -8.54 -4.64 8.18
C THR B 138 -8.42 -3.93 6.84
N GLY B 139 -7.27 -4.09 6.17
CA GLY B 139 -7.08 -3.47 4.86
C GLY B 139 -7.97 -4.06 3.78
N THR B 140 -8.27 -5.35 3.86
CA THR B 140 -9.25 -5.95 2.96
C THR B 140 -10.61 -5.28 3.09
N LEU B 141 -11.11 -5.21 4.33
CA LEU B 141 -12.39 -4.56 4.57
C LEU B 141 -12.34 -3.11 4.13
N LEU B 142 -11.19 -2.46 4.29
CA LEU B 142 -11.04 -1.07 3.84
C LEU B 142 -11.11 -0.99 2.32
N SER B 143 -10.54 -1.97 1.62
CA SER B 143 -10.62 -2.00 0.17
C SER B 143 -12.06 -2.14 -0.28
N ARG B 144 -12.84 -2.94 0.45
CA ARG B 144 -14.26 -3.08 0.14
C ARG B 144 -14.94 -1.72 0.05
N ILE B 145 -14.53 -0.78 0.89
CA ILE B 145 -15.14 0.54 0.95
C ILE B 145 -14.51 1.50 -0.05
N THR B 146 -13.17 1.51 -0.11
CA THR B 146 -12.46 2.53 -0.88
C THR B 146 -12.47 2.22 -2.36
N TYR B 147 -12.34 0.95 -2.74
CA TYR B 147 -12.14 0.60 -4.14
C TYR B 147 -13.28 -0.22 -4.72
N ASP B 148 -13.54 -1.42 -4.21
CA ASP B 148 -14.60 -2.26 -4.79
C ASP B 148 -15.87 -1.46 -4.99
N SER B 149 -16.25 -0.65 -3.99
CA SER B 149 -17.48 0.13 -4.08
C SER B 149 -17.41 1.17 -5.19
N GLU B 150 -16.22 1.63 -5.55
CA GLU B 150 -16.10 2.52 -6.70
C GLU B 150 -15.95 1.74 -7.99
N GLN B 151 -15.26 0.60 -7.94
CA GLN B 151 -15.06 -0.21 -9.15
C GLN B 151 -16.41 -0.69 -9.69
N VAL B 152 -17.34 -1.03 -8.82
CA VAL B 152 -18.62 -1.54 -9.30
C VAL B 152 -19.30 -0.49 -10.18
N ALA B 153 -19.46 0.72 -9.66
CA ALA B 153 -20.10 1.78 -10.44
C ALA B 153 -19.26 2.16 -11.65
N SER B 154 -17.94 2.12 -11.53
CA SER B 154 -17.08 2.40 -12.67
C SER B 154 -17.38 1.44 -13.82
N SER B 155 -17.28 0.14 -13.55
CA SER B 155 -17.47 -0.86 -14.59
C SER B 155 -18.88 -0.80 -15.15
N SER B 156 -19.89 -0.58 -14.30
CA SER B 156 -21.26 -0.59 -14.80
C SER B 156 -21.56 0.68 -15.61
N SER B 157 -21.10 1.84 -15.17
CA SER B 157 -21.24 3.06 -15.96
C SER B 157 -20.58 2.89 -17.32
N GLY B 158 -19.35 2.34 -17.34
CA GLY B 158 -18.67 2.12 -18.61
C GLY B 158 -19.41 1.13 -19.49
N ALA B 159 -19.98 0.08 -18.89
CA ALA B 159 -20.80 -0.85 -19.64
C ALA B 159 -21.97 -0.14 -20.30
N LEU B 160 -22.71 0.65 -19.52
CA LEU B 160 -23.85 1.38 -20.07
C LEU B 160 -23.43 2.29 -21.21
N ILE B 161 -22.35 3.04 -21.02
CA ILE B 161 -21.90 3.99 -22.04
C ILE B 161 -21.50 3.24 -23.30
N THR B 162 -20.68 2.20 -23.16
CA THR B 162 -20.29 1.45 -24.35
C THR B 162 -21.52 0.94 -25.08
N VAL B 163 -22.37 0.18 -24.38
CA VAL B 163 -23.59 -0.35 -24.99
C VAL B 163 -24.25 0.75 -25.81
N VAL B 164 -24.71 1.82 -25.16
CA VAL B 164 -25.54 2.80 -25.87
C VAL B 164 -24.73 3.56 -26.91
N ARG B 165 -23.69 4.28 -26.48
CA ARG B 165 -22.93 5.13 -27.39
C ARG B 165 -22.43 4.36 -28.61
N GLU B 166 -21.70 3.27 -28.39
CA GLU B 166 -21.12 2.56 -29.51
C GLU B 166 -22.13 1.69 -30.25
N GLY B 167 -23.24 1.27 -29.61
CA GLY B 167 -24.29 0.59 -30.33
C GLY B 167 -25.09 1.52 -31.19
N ALA B 168 -25.10 2.81 -30.86
CA ALA B 168 -25.69 3.80 -31.75
C ALA B 168 -24.72 4.16 -32.87
N SER B 169 -23.44 4.29 -32.55
CA SER B 169 -22.46 4.60 -33.58
C SER B 169 -22.36 3.47 -34.60
N ILE B 170 -22.41 2.22 -34.15
CA ILE B 170 -22.24 1.09 -35.05
C ILE B 170 -23.34 1.07 -36.10
N ILE B 171 -24.59 1.32 -35.69
CA ILE B 171 -25.71 1.33 -36.63
C ILE B 171 -25.71 2.60 -37.48
N GLY B 172 -25.44 3.77 -36.85
CA GLY B 172 -25.32 4.99 -37.63
C GLY B 172 -24.26 4.88 -38.72
N LEU B 173 -23.22 4.07 -38.49
CA LEU B 173 -22.17 3.90 -39.48
C LEU B 173 -22.52 2.84 -40.51
N PHE B 174 -23.09 1.72 -40.06
CA PHE B 174 -23.49 0.67 -41.00
C PHE B 174 -24.49 1.20 -42.01
N ILE B 175 -25.42 2.05 -41.57
CA ILE B 175 -26.41 2.60 -42.49
C ILE B 175 -25.73 3.39 -43.60
N MET B 176 -24.88 4.35 -43.22
CA MET B 176 -24.14 5.13 -44.20
C MET B 176 -23.37 4.23 -45.15
N MET B 177 -22.67 3.24 -44.60
CA MET B 177 -21.93 2.29 -45.42
C MET B 177 -22.80 1.71 -46.51
N PHE B 178 -23.86 1.01 -46.13
CA PHE B 178 -24.67 0.29 -47.12
C PHE B 178 -25.35 1.26 -48.07
N TYR B 179 -25.76 2.43 -47.58
CA TYR B 179 -26.44 3.39 -48.45
C TYR B 179 -25.51 3.88 -49.55
N TYR B 180 -24.36 4.44 -49.17
CA TYR B 180 -23.45 5.02 -50.17
C TYR B 180 -22.81 3.97 -51.07
N SER B 181 -22.84 2.69 -50.69
CA SER B 181 -22.40 1.63 -51.58
C SER B 181 -22.72 0.26 -50.99
N TRP B 182 -23.85 -0.32 -51.40
CA TRP B 182 -24.24 -1.64 -50.90
C TRP B 182 -23.20 -2.69 -51.27
N GLN B 183 -22.60 -2.56 -52.46
CA GLN B 183 -21.60 -3.53 -52.93
C GLN B 183 -20.49 -3.73 -51.90
N LEU B 184 -19.71 -2.68 -51.66
CA LEU B 184 -18.58 -2.76 -50.73
C LEU B 184 -19.04 -3.19 -49.35
N SER B 185 -20.22 -2.71 -48.91
CA SER B 185 -20.67 -2.98 -47.54
C SER B 185 -20.99 -4.46 -47.35
N ILE B 186 -21.70 -5.07 -48.29
CA ILE B 186 -21.95 -6.50 -48.17
C ILE B 186 -20.64 -7.27 -48.27
N ILE B 187 -19.69 -6.77 -49.07
CA ILE B 187 -18.39 -7.45 -49.14
C ILE B 187 -17.71 -7.45 -47.78
N LEU B 188 -17.81 -6.34 -47.04
CA LEU B 188 -17.21 -6.27 -45.71
C LEU B 188 -17.95 -7.20 -44.74
N ILE B 189 -19.28 -7.20 -44.81
CA ILE B 189 -20.07 -8.01 -43.89
C ILE B 189 -19.75 -9.49 -44.06
N VAL B 190 -19.69 -9.97 -45.31
CA VAL B 190 -19.39 -11.39 -45.52
C VAL B 190 -18.05 -11.77 -44.93
N LEU B 191 -17.12 -10.81 -44.83
CA LEU B 191 -15.82 -11.09 -44.24
C LEU B 191 -15.85 -11.03 -42.72
N ALA B 192 -16.79 -10.27 -42.14
CA ALA B 192 -16.81 -10.12 -40.68
C ALA B 192 -16.76 -11.44 -39.91
N PRO B 193 -17.48 -12.51 -40.28
CA PRO B 193 -17.40 -13.76 -39.49
C PRO B 193 -15.98 -14.29 -39.32
N ILE B 194 -15.27 -14.47 -40.44
CA ILE B 194 -13.90 -15.00 -40.39
C ILE B 194 -13.01 -14.09 -39.56
N VAL B 195 -13.15 -12.78 -39.74
CA VAL B 195 -12.38 -11.82 -38.95
C VAL B 195 -12.64 -12.01 -37.46
N SER B 196 -13.90 -12.23 -37.10
CA SER B 196 -14.25 -12.42 -35.70
C SER B 196 -13.56 -13.65 -35.13
N ILE B 197 -13.68 -14.78 -35.83
CA ILE B 197 -13.04 -16.00 -35.36
C ILE B 197 -11.52 -15.80 -35.24
N ALA B 198 -10.93 -15.09 -36.19
CA ALA B 198 -9.48 -14.90 -36.17
C ALA B 198 -9.05 -14.05 -34.99
N ILE B 199 -9.71 -12.91 -34.77
CA ILE B 199 -9.35 -12.09 -33.62
C ILE B 199 -9.57 -12.87 -32.33
N ARG B 200 -10.56 -13.78 -32.31
CA ARG B 200 -10.72 -14.66 -31.16
C ARG B 200 -9.43 -15.45 -30.92
N VAL B 201 -8.98 -16.19 -31.94
CA VAL B 201 -7.89 -17.15 -31.71
C VAL B 201 -6.62 -16.46 -31.21
N VAL B 202 -6.44 -15.18 -31.49
CA VAL B 202 -5.21 -14.47 -31.11
C VAL B 202 -5.39 -13.70 -29.81
N SER B 203 -6.56 -13.10 -29.57
CA SER B 203 -6.80 -12.50 -28.26
C SER B 203 -6.79 -13.57 -27.18
N LYS B 204 -7.10 -14.82 -27.54
CA LYS B 204 -6.92 -15.92 -26.59
C LYS B 204 -5.45 -16.07 -26.21
N ARG B 205 -4.55 -15.96 -27.19
CA ARG B 205 -3.12 -15.85 -26.92
C ARG B 205 -2.70 -14.44 -26.54
N PHE B 206 -3.52 -13.73 -25.77
CA PHE B 206 -3.19 -12.38 -25.32
C PHE B 206 -2.47 -12.43 -23.98
N ASN B 215 3.36 -13.64 -8.01
CA ASN B 215 4.24 -14.41 -7.13
C ASN B 215 5.55 -13.67 -6.88
N THR B 216 6.24 -13.30 -7.97
CA THR B 216 7.55 -12.67 -7.85
C THR B 216 7.45 -11.34 -7.11
N MET B 217 6.34 -10.60 -7.28
CA MET B 217 6.13 -9.36 -6.53
C MET B 217 6.03 -9.64 -5.03
N GLY B 218 5.33 -10.71 -4.68
CA GLY B 218 5.32 -11.13 -3.28
C GLY B 218 6.72 -11.42 -2.78
N GLN B 219 7.56 -12.06 -3.61
CA GLN B 219 8.94 -12.35 -3.21
C GLN B 219 9.76 -11.08 -3.07
N VAL B 220 9.52 -10.06 -3.90
CA VAL B 220 10.23 -8.80 -3.73
C VAL B 220 9.86 -8.17 -2.40
N THR B 221 8.56 -7.98 -2.16
CA THR B 221 8.13 -7.36 -0.92
C THR B 221 8.63 -8.15 0.28
N THR B 222 8.65 -9.48 0.18
CA THR B 222 9.09 -10.31 1.30
C THR B 222 10.60 -10.24 1.48
N SER B 223 11.36 -10.38 0.39
CA SER B 223 12.80 -10.31 0.47
C SER B 223 13.26 -8.99 1.08
N ALA B 224 12.52 -7.91 0.85
CA ALA B 224 12.89 -6.62 1.44
C ALA B 224 12.36 -6.45 2.86
N GLU B 225 11.16 -6.98 3.13
CA GLU B 225 10.55 -6.82 4.43
C GLU B 225 11.27 -7.65 5.49
N GLN B 226 11.58 -8.91 5.19
CA GLN B 226 12.31 -9.73 6.14
C GLN B 226 13.79 -9.37 6.19
N MET B 227 14.27 -8.52 5.28
CA MET B 227 15.56 -7.87 5.48
C MET B 227 15.44 -6.76 6.50
N LEU B 228 14.48 -5.85 6.29
CA LEU B 228 14.29 -4.76 7.24
C LEU B 228 13.91 -5.28 8.62
N LYS B 229 13.25 -6.43 8.69
CA LYS B 229 12.93 -7.05 9.99
C LYS B 229 14.19 -7.49 10.70
N GLY B 230 15.04 -8.23 10.00
CA GLY B 230 16.26 -8.76 10.59
C GLY B 230 17.48 -7.89 10.33
N HIS B 231 17.29 -6.58 10.23
CA HIS B 231 18.44 -5.69 10.06
C HIS B 231 19.40 -5.84 11.23
N LYS B 232 18.87 -5.95 12.45
CA LYS B 232 19.69 -6.28 13.61
C LYS B 232 20.47 -7.56 13.34
N GLU B 233 19.78 -8.64 12.96
CA GLU B 233 20.44 -9.91 12.72
C GLU B 233 21.27 -9.89 11.44
N VAL B 234 21.03 -8.94 10.53
CA VAL B 234 21.83 -8.87 9.32
C VAL B 234 23.14 -8.15 9.58
N LEU B 235 23.16 -7.20 10.51
CA LEU B 235 24.39 -6.46 10.77
C LEU B 235 25.40 -7.34 11.50
N ILE B 236 24.97 -8.05 12.55
CA ILE B 236 25.80 -9.10 13.11
C ILE B 236 25.63 -10.34 12.25
N PHE B 237 26.67 -11.17 12.21
CA PHE B 237 26.80 -12.31 11.30
C PHE B 237 27.19 -11.84 9.89
N GLY B 238 27.16 -10.54 9.61
CA GLY B 238 27.63 -10.03 8.33
C GLY B 238 26.80 -10.48 7.15
N GLY B 239 25.48 -10.52 7.28
CA GLY B 239 24.63 -11.05 6.24
C GLY B 239 24.34 -10.08 5.11
N GLN B 240 25.16 -9.04 4.96
CA GLN B 240 24.92 -8.08 3.89
C GLN B 240 25.09 -8.73 2.51
N GLU B 241 26.10 -9.59 2.35
CA GLU B 241 26.37 -10.18 1.04
C GLU B 241 25.28 -11.15 0.63
N VAL B 242 24.94 -12.09 1.50
CA VAL B 242 23.93 -13.09 1.16
C VAL B 242 22.60 -12.41 0.88
N GLU B 243 22.28 -11.36 1.64
CA GLU B 243 21.02 -10.65 1.42
C GLU B 243 21.06 -9.87 0.11
N THR B 244 22.18 -9.22 -0.19
CA THR B 244 22.30 -8.49 -1.44
C THR B 244 22.05 -9.42 -2.62
N LYS B 245 22.65 -10.61 -2.59
CA LYS B 245 22.49 -11.50 -3.74
C LYS B 245 21.13 -12.19 -3.76
N ARG B 246 20.55 -12.47 -2.59
CA ARG B 246 19.15 -12.92 -2.53
C ARG B 246 18.24 -11.92 -3.23
N PHE B 247 18.37 -10.64 -2.87
CA PHE B 247 17.59 -9.61 -3.54
C PHE B 247 17.88 -9.63 -5.03
N ASP B 248 19.14 -9.56 -5.42
CA ASP B 248 19.48 -9.61 -6.84
C ASP B 248 18.62 -10.65 -7.56
N LYS B 249 18.66 -11.91 -7.06
CA LYS B 249 17.85 -12.96 -7.68
C LYS B 249 16.39 -12.55 -7.78
N VAL B 250 15.79 -12.16 -6.65
CA VAL B 250 14.35 -11.95 -6.62
C VAL B 250 13.95 -10.79 -7.54
N SER B 251 14.65 -9.66 -7.42
CA SER B 251 14.38 -8.50 -8.25
C SER B 251 14.48 -8.83 -9.73
N ASN B 252 15.55 -9.52 -10.14
CA ASN B 252 15.70 -9.84 -11.56
C ASN B 252 14.59 -10.77 -12.03
N ARG B 253 14.19 -11.73 -11.19
CA ARG B 253 13.11 -12.62 -11.57
C ARG B 253 11.83 -11.84 -11.84
N MET B 254 11.49 -10.89 -10.95
CA MET B 254 10.26 -10.14 -11.22
C MET B 254 10.43 -9.21 -12.42
N ARG B 255 11.64 -8.72 -12.68
CA ARG B 255 11.85 -7.94 -13.90
C ARG B 255 11.53 -8.77 -15.14
N LEU B 256 11.97 -10.03 -15.14
CA LEU B 256 11.68 -10.91 -16.27
C LEU B 256 10.17 -11.12 -16.43
N GLN B 257 9.48 -11.41 -15.33
CA GLN B 257 8.01 -11.56 -15.38
C GLN B 257 7.34 -10.28 -15.90
N GLY B 258 7.84 -9.12 -15.47
CA GLY B 258 7.23 -7.86 -15.84
C GLY B 258 7.40 -7.55 -17.31
N MET B 259 8.55 -7.90 -17.87
CA MET B 259 8.72 -7.77 -19.32
C MET B 259 7.85 -8.78 -20.07
N LYS B 260 7.71 -9.98 -19.53
CA LYS B 260 6.92 -11.01 -20.17
C LYS B 260 5.49 -10.55 -20.41
N MET B 261 4.85 -10.02 -19.36
CA MET B 261 3.45 -9.64 -19.50
C MET B 261 3.26 -8.55 -20.56
N VAL B 262 4.15 -7.55 -20.58
CA VAL B 262 4.00 -6.47 -21.55
C VAL B 262 4.28 -6.95 -22.95
N SER B 263 5.23 -7.87 -23.13
CA SER B 263 5.45 -8.42 -24.46
C SER B 263 4.19 -9.12 -24.98
N ALA B 264 3.62 -9.99 -24.13
CA ALA B 264 2.38 -10.67 -24.50
C ALA B 264 1.31 -9.66 -24.92
N SER B 265 1.12 -8.63 -24.10
CA SER B 265 0.09 -7.63 -24.42
C SER B 265 0.44 -6.89 -25.71
N SER B 266 1.73 -6.59 -25.92
CA SER B 266 2.14 -5.76 -27.04
C SER B 266 1.83 -6.45 -28.36
N ILE B 267 2.18 -7.73 -28.48
CA ILE B 267 2.04 -8.34 -29.80
C ILE B 267 0.58 -8.45 -30.22
N SER B 268 -0.35 -8.53 -29.26
CA SER B 268 -1.72 -8.88 -29.58
C SER B 268 -2.33 -7.92 -30.60
N ASP B 269 -2.27 -6.63 -30.31
CA ASP B 269 -3.05 -5.66 -31.07
C ASP B 269 -2.46 -5.40 -32.46
N PRO B 270 -1.14 -5.34 -32.62
CA PRO B 270 -0.58 -5.25 -33.98
C PRO B 270 -1.18 -6.28 -34.92
N ILE B 271 -1.28 -7.52 -34.48
CA ILE B 271 -1.85 -8.58 -35.30
C ILE B 271 -3.31 -8.30 -35.61
N ILE B 272 -4.06 -7.82 -34.61
CA ILE B 272 -5.48 -7.56 -34.82
C ILE B 272 -5.68 -6.46 -35.86
N GLN B 273 -4.92 -5.37 -35.73
CA GLN B 273 -4.95 -4.31 -36.74
C GLN B 273 -4.56 -4.85 -38.10
N LEU B 274 -3.57 -5.73 -38.15
CA LEU B 274 -3.16 -6.34 -39.42
C LEU B 274 -4.33 -7.10 -40.05
N ILE B 275 -5.03 -7.88 -39.25
CA ILE B 275 -6.18 -8.65 -39.76
C ILE B 275 -7.22 -7.72 -40.34
N ALA B 276 -7.65 -6.74 -39.55
CA ALA B 276 -8.65 -5.78 -40.02
C ALA B 276 -8.18 -5.10 -41.30
N SER B 277 -6.90 -4.71 -41.34
CA SER B 277 -6.37 -4.04 -42.52
C SER B 277 -6.39 -4.96 -43.73
N LEU B 278 -6.17 -6.26 -43.52
CA LEU B 278 -6.28 -7.21 -44.61
C LEU B 278 -7.66 -7.16 -45.21
N ALA B 279 -8.69 -7.28 -44.35
CA ALA B 279 -10.05 -7.27 -44.86
C ALA B 279 -10.35 -5.96 -45.61
N LEU B 280 -9.90 -4.83 -45.06
CA LEU B 280 -10.17 -3.54 -45.70
C LEU B 280 -9.44 -3.40 -47.03
N ALA B 281 -8.19 -3.85 -47.09
CA ALA B 281 -7.45 -3.85 -48.35
C ALA B 281 -8.17 -4.69 -49.40
N PHE B 282 -8.72 -5.84 -48.99
CA PHE B 282 -9.49 -6.64 -49.93
C PHE B 282 -10.71 -5.87 -50.43
N VAL B 283 -11.46 -5.26 -49.52
CA VAL B 283 -12.59 -4.42 -49.92
C VAL B 283 -12.15 -3.42 -50.98
N LEU B 284 -10.97 -2.81 -50.78
CA LEU B 284 -10.51 -1.80 -51.71
C LEU B 284 -10.15 -2.41 -53.07
N TYR B 285 -9.52 -3.58 -53.06
CA TYR B 285 -9.28 -4.31 -54.30
C TYR B 285 -10.59 -4.60 -55.02
N ALA B 286 -11.68 -4.73 -54.26
CA ALA B 286 -12.99 -4.93 -54.88
C ALA B 286 -13.49 -3.64 -55.53
N ALA B 287 -13.35 -2.52 -54.84
CA ALA B 287 -13.75 -1.24 -55.45
C ALA B 287 -13.12 -1.01 -56.81
N SER B 288 -12.08 -1.78 -57.16
CA SER B 288 -11.43 -1.63 -58.45
C SER B 288 -12.32 -2.12 -59.59
N PHE B 289 -13.02 -3.23 -59.39
CA PHE B 289 -13.79 -3.85 -60.45
C PHE B 289 -14.76 -2.82 -61.05
N PRO B 290 -14.90 -2.76 -62.38
CA PRO B 290 -15.62 -1.62 -62.98
C PRO B 290 -17.08 -1.56 -62.59
N SER B 291 -17.71 -2.69 -62.29
CA SER B 291 -19.09 -2.68 -61.85
C SER B 291 -19.26 -1.91 -60.54
N VAL B 292 -18.19 -1.84 -59.75
CA VAL B 292 -18.24 -1.20 -58.43
C VAL B 292 -17.79 0.24 -58.54
N MET B 293 -16.58 0.45 -59.09
CA MET B 293 -15.99 1.78 -59.15
C MET B 293 -16.94 2.80 -59.77
N ASP B 294 -17.72 2.39 -60.78
CA ASP B 294 -18.61 3.32 -61.46
C ASP B 294 -19.64 3.91 -60.50
N SER B 295 -20.13 3.10 -59.55
CA SER B 295 -21.05 3.61 -58.55
C SER B 295 -20.39 4.62 -57.62
N LEU B 296 -19.09 4.44 -57.37
CA LEU B 296 -18.38 5.24 -56.39
C LEU B 296 -17.93 6.57 -56.99
N THR B 297 -17.89 7.59 -56.15
CA THR B 297 -17.32 8.90 -56.47
C THR B 297 -16.16 9.18 -55.51
N ALA B 298 -15.51 10.33 -55.73
CA ALA B 298 -14.41 10.73 -54.84
C ALA B 298 -14.89 10.79 -53.39
N GLY B 299 -16.12 11.24 -53.17
CA GLY B 299 -16.65 11.39 -51.83
C GLY B 299 -17.28 10.12 -51.28
N THR B 300 -17.94 9.35 -52.17
CA THR B 300 -18.62 8.13 -51.75
C THR B 300 -17.65 7.14 -51.11
N ILE B 301 -16.61 6.76 -51.84
CA ILE B 301 -15.62 5.82 -51.31
C ILE B 301 -14.95 6.41 -50.08
N THR B 302 -14.66 7.71 -50.12
CA THR B 302 -14.01 8.36 -48.99
C THR B 302 -14.79 8.12 -47.71
N VAL B 303 -16.09 8.46 -47.73
CA VAL B 303 -16.91 8.35 -46.53
C VAL B 303 -17.17 6.88 -46.19
N VAL B 304 -17.32 6.02 -47.19
CA VAL B 304 -17.59 4.61 -46.92
C VAL B 304 -16.43 4.00 -46.14
N PHE B 305 -15.20 4.25 -46.59
CA PHE B 305 -14.04 3.73 -45.86
C PHE B 305 -13.82 4.48 -44.55
N SER B 306 -14.15 5.77 -44.50
CA SER B 306 -14.04 6.50 -43.24
C SER B 306 -14.93 5.86 -42.17
N SER B 307 -16.18 5.50 -42.54
CA SER B 307 -17.09 4.88 -41.59
C SER B 307 -16.66 3.46 -41.25
N MET B 308 -16.16 2.72 -42.24
CA MET B 308 -15.59 1.40 -41.95
C MET B 308 -14.50 1.50 -40.89
N ILE B 309 -13.60 2.48 -41.03
CA ILE B 309 -12.52 2.62 -40.06
C ILE B 309 -13.04 3.05 -38.70
N ALA B 310 -13.97 4.01 -38.69
CA ALA B 310 -14.59 4.43 -37.42
C ALA B 310 -15.17 3.23 -36.69
N LEU B 311 -15.75 2.28 -37.44
CA LEU B 311 -16.37 1.10 -36.85
C LEU B 311 -15.40 0.20 -36.10
N MET B 312 -14.09 0.40 -36.23
CA MET B 312 -13.15 -0.48 -35.54
C MET B 312 -13.13 -0.23 -34.05
N ARG B 313 -13.50 0.98 -33.60
CA ARG B 313 -13.44 1.25 -32.16
C ARG B 313 -14.77 0.87 -31.50
N PRO B 314 -15.94 1.09 -32.12
CA PRO B 314 -17.15 0.49 -31.53
C PRO B 314 -17.04 -1.01 -31.36
N LEU B 315 -16.48 -1.72 -32.34
CA LEU B 315 -16.42 -3.18 -32.23
C LEU B 315 -15.48 -3.60 -31.10
N LYS B 316 -14.29 -3.00 -31.04
CA LYS B 316 -13.38 -3.32 -29.95
C LYS B 316 -14.06 -3.09 -28.60
N SER B 317 -14.75 -1.96 -28.46
CA SER B 317 -15.39 -1.65 -27.18
C SER B 317 -16.55 -2.59 -26.89
N LEU B 318 -17.28 -3.00 -27.92
CA LEU B 318 -18.47 -3.82 -27.74
C LEU B 318 -18.15 -5.28 -27.50
N THR B 319 -16.93 -5.74 -27.86
CA THR B 319 -16.55 -7.11 -27.56
C THR B 319 -16.05 -7.27 -26.14
N ASN B 320 -15.50 -6.21 -25.54
CA ASN B 320 -14.94 -6.25 -24.20
C ASN B 320 -15.90 -5.80 -23.12
N VAL B 321 -17.11 -5.38 -23.49
CA VAL B 321 -17.99 -4.71 -22.53
C VAL B 321 -18.53 -5.71 -21.50
N ASN B 322 -18.87 -6.91 -21.94
CA ASN B 322 -19.43 -7.88 -21.00
C ASN B 322 -18.37 -8.34 -19.99
N ALA B 323 -17.09 -8.35 -20.38
CA ALA B 323 -16.04 -8.69 -19.43
C ALA B 323 -15.98 -7.68 -18.28
N GLN B 324 -16.09 -6.39 -18.59
CA GLN B 324 -16.05 -5.37 -17.55
C GLN B 324 -17.31 -5.41 -16.70
N PHE B 325 -18.47 -5.69 -17.31
CA PHE B 325 -19.67 -5.90 -16.50
C PHE B 325 -19.47 -7.08 -15.54
N GLN B 326 -18.86 -8.16 -16.03
CA GLN B 326 -18.58 -9.32 -15.20
C GLN B 326 -17.73 -8.96 -13.99
N ARG B 327 -16.62 -8.27 -14.22
CA ARG B 327 -15.72 -7.95 -13.12
C ARG B 327 -16.41 -7.00 -12.13
N GLY B 328 -17.18 -6.04 -12.63
CA GLY B 328 -17.97 -5.19 -11.78
C GLY B 328 -18.90 -5.97 -10.87
N MET B 329 -19.69 -6.87 -11.45
CA MET B 329 -20.67 -7.61 -10.66
C MET B 329 -19.98 -8.59 -9.71
N ALA B 330 -18.78 -9.08 -10.04
CA ALA B 330 -18.03 -9.90 -9.10
C ALA B 330 -17.62 -9.09 -7.87
N ALA B 331 -17.03 -7.91 -8.12
CA ALA B 331 -16.73 -7.00 -7.02
C ALA B 331 -17.99 -6.68 -6.21
N CYS B 332 -19.15 -6.63 -6.85
CA CYS B 332 -20.38 -6.27 -6.15
C CYS B 332 -20.95 -7.43 -5.33
N GLN B 333 -20.84 -8.66 -5.83
CA GLN B 333 -21.27 -9.80 -5.04
C GLN B 333 -20.34 -10.03 -3.86
N THR B 334 -19.07 -9.62 -3.97
CA THR B 334 -18.23 -9.56 -2.78
C THR B 334 -18.89 -8.72 -1.69
N LEU B 335 -19.38 -7.54 -2.06
CA LEU B 335 -19.96 -6.65 -1.07
C LEU B 335 -21.35 -7.09 -0.64
N PHE B 336 -22.07 -7.83 -1.47
CA PHE B 336 -23.32 -8.43 -1.00
C PHE B 336 -23.05 -9.62 -0.08
N THR B 337 -21.92 -10.31 -0.27
CA THR B 337 -21.47 -11.27 0.72
C THR B 337 -21.24 -10.60 2.06
N ILE B 338 -20.60 -9.43 2.06
CA ILE B 338 -20.39 -8.70 3.31
C ILE B 338 -21.73 -8.24 3.89
N LEU B 339 -22.57 -7.59 3.08
CA LEU B 339 -23.83 -7.04 3.57
C LEU B 339 -24.76 -8.13 4.10
N ASP B 340 -24.72 -9.31 3.50
CA ASP B 340 -25.60 -10.40 3.92
C ASP B 340 -25.13 -11.05 5.22
N SER B 341 -23.86 -10.88 5.60
CA SER B 341 -23.41 -11.35 6.90
C SER B 341 -24.21 -10.67 8.01
N GLU B 342 -24.21 -11.30 9.18
CA GLU B 342 -25.07 -10.89 10.28
C GLU B 342 -24.29 -10.05 11.28
N GLN B 343 -24.94 -8.98 11.76
CA GLN B 343 -24.38 -8.14 12.80
C GLN B 343 -24.55 -8.81 14.16
N GLU B 344 -23.67 -8.47 15.09
CA GLU B 344 -23.71 -9.11 16.41
C GLU B 344 -25.09 -8.94 17.02
N LYS B 345 -25.46 -9.91 17.86
CA LYS B 345 -26.82 -10.02 18.37
C LYS B 345 -26.96 -9.25 19.67
N ASP B 346 -27.95 -8.36 19.72
CA ASP B 346 -28.21 -7.50 20.88
C ASP B 346 -29.68 -7.66 21.28
N GLU B 347 -30.02 -8.84 21.79
CA GLU B 347 -31.37 -9.11 22.27
C GLU B 347 -31.54 -8.80 23.75
N GLY B 348 -30.49 -8.38 24.44
CA GLY B 348 -30.60 -7.94 25.81
C GLY B 348 -31.49 -6.73 25.95
N LYS B 349 -32.48 -6.80 26.85
CA LYS B 349 -33.41 -5.71 27.08
C LYS B 349 -33.25 -5.07 28.45
N ARG B 350 -32.08 -5.22 29.07
CA ARG B 350 -31.84 -4.71 30.41
C ARG B 350 -30.82 -3.59 30.35
N VAL B 351 -31.10 -2.49 31.04
CA VAL B 351 -30.23 -1.31 31.03
C VAL B 351 -29.75 -1.05 32.46
N ILE B 352 -28.52 -0.55 32.56
CA ILE B 352 -27.92 -0.20 33.84
C ILE B 352 -27.35 1.20 33.72
N GLU B 353 -27.94 2.15 34.44
CA GLU B 353 -27.39 3.51 34.49
C GLU B 353 -25.92 3.47 34.87
N ARG B 354 -25.59 2.76 35.95
CA ARG B 354 -24.22 2.59 36.39
C ARG B 354 -24.18 1.44 37.38
N ALA B 355 -23.06 0.74 37.42
CA ALA B 355 -22.94 -0.47 38.24
C ALA B 355 -21.61 -0.47 38.98
N THR B 356 -21.60 0.12 40.19
CA THR B 356 -20.53 -0.14 41.15
C THR B 356 -20.82 -1.52 41.74
N GLY B 357 -20.37 -2.54 41.02
CA GLY B 357 -20.65 -3.91 41.39
C GLY B 357 -19.61 -4.86 40.85
N ASP B 358 -19.64 -6.07 41.39
CA ASP B 358 -18.67 -7.09 41.04
C ASP B 358 -19.08 -7.81 39.76
N VAL B 359 -18.08 -8.29 39.03
CA VAL B 359 -18.27 -9.20 37.91
C VAL B 359 -17.87 -10.60 38.37
N GLU B 360 -18.66 -11.59 37.99
CA GLU B 360 -18.45 -12.96 38.45
C GLU B 360 -18.53 -13.93 37.28
N PHE B 361 -17.55 -14.82 37.22
CA PHE B 361 -17.51 -15.94 36.27
C PHE B 361 -17.96 -17.19 37.02
N ARG B 362 -19.08 -17.76 36.57
CA ARG B 362 -19.66 -18.98 37.12
C ARG B 362 -19.46 -20.09 36.10
N ASN B 363 -18.53 -20.99 36.38
CA ASN B 363 -18.27 -22.17 35.56
C ASN B 363 -18.34 -21.81 34.07
N VAL B 364 -17.61 -20.77 33.71
CA VAL B 364 -17.56 -20.31 32.33
C VAL B 364 -16.59 -21.20 31.56
N THR B 365 -16.98 -21.56 30.34
CA THR B 365 -16.13 -22.28 29.41
C THR B 365 -16.32 -21.67 28.03
N PHE B 366 -15.21 -21.47 27.33
CA PHE B 366 -15.24 -20.78 26.06
C PHE B 366 -14.31 -21.44 25.05
N THR B 367 -14.72 -21.38 23.78
CA THR B 367 -13.95 -21.86 22.65
C THR B 367 -14.10 -20.85 21.52
N TYR B 368 -12.97 -20.35 21.01
CA TYR B 368 -13.00 -19.41 19.90
C TYR B 368 -13.65 -20.09 18.69
N PRO B 369 -14.60 -19.44 18.01
CA PRO B 369 -15.18 -20.05 16.80
C PRO B 369 -14.09 -20.36 15.78
N GLY B 370 -14.13 -21.58 15.25
CA GLY B 370 -13.13 -22.07 14.33
C GLY B 370 -12.03 -22.88 14.99
N ARG B 371 -11.90 -22.80 16.30
CA ARG B 371 -11.02 -23.66 17.08
C ARG B 371 -11.87 -24.58 17.92
N ASP B 372 -11.35 -25.78 18.19
CA ASP B 372 -12.12 -26.81 18.90
C ASP B 372 -11.52 -27.15 20.26
N VAL B 373 -10.48 -26.47 20.68
CA VAL B 373 -9.89 -26.65 22.03
C VAL B 373 -10.25 -25.38 22.84
N PRO B 374 -11.10 -25.51 23.85
CA PRO B 374 -11.51 -24.31 24.62
C PRO B 374 -10.32 -23.48 25.09
N ALA B 375 -10.38 -22.18 24.78
CA ALA B 375 -9.41 -21.25 25.35
C ALA B 375 -9.57 -21.12 26.85
N LEU B 376 -10.79 -21.34 27.35
CA LEU B 376 -11.06 -21.26 28.79
C LEU B 376 -11.93 -22.45 29.17
N ARG B 377 -11.44 -23.26 30.10
CA ARG B 377 -12.20 -24.39 30.62
C ARG B 377 -13.04 -23.91 31.80
N ASN B 378 -13.42 -24.81 32.70
CA ASN B 378 -14.23 -24.46 33.85
C ASN B 378 -13.53 -23.38 34.69
N ILE B 379 -14.01 -22.14 34.63
CA ILE B 379 -13.40 -21.03 35.33
C ILE B 379 -14.43 -20.39 36.24
N ASN B 380 -13.98 -19.98 37.43
CA ASN B 380 -14.79 -19.20 38.35
C ASN B 380 -13.95 -18.04 38.86
N LEU B 381 -14.45 -16.81 38.70
CA LEU B 381 -13.65 -15.64 39.04
C LEU B 381 -14.52 -14.51 39.57
N LYS B 382 -14.14 -13.91 40.68
CA LYS B 382 -14.91 -12.84 41.28
C LYS B 382 -14.06 -11.58 41.38
N ILE B 383 -14.59 -10.47 40.90
CA ILE B 383 -13.92 -9.18 40.98
C ILE B 383 -14.78 -8.27 41.85
N PRO B 384 -14.77 -8.44 43.18
CA PRO B 384 -15.65 -7.65 44.04
C PRO B 384 -15.57 -6.17 43.71
N ALA B 385 -16.72 -5.48 43.81
CA ALA B 385 -16.79 -4.08 43.45
C ALA B 385 -15.67 -3.29 44.10
N GLY B 386 -15.20 -2.25 43.41
CA GLY B 386 -14.17 -1.39 43.93
C GLY B 386 -12.77 -1.97 43.88
N LYS B 387 -12.67 -3.29 43.87
CA LYS B 387 -11.38 -3.97 44.00
C LYS B 387 -10.76 -4.23 42.63
N THR B 388 -9.43 -4.22 42.60
CA THR B 388 -8.66 -4.45 41.39
C THR B 388 -8.13 -5.88 41.45
N VAL B 389 -8.60 -6.72 40.53
CA VAL B 389 -8.15 -8.10 40.41
C VAL B 389 -7.14 -8.16 39.27
N ALA B 390 -5.88 -8.39 39.60
CA ALA B 390 -4.82 -8.53 38.62
C ALA B 390 -4.64 -10.01 38.30
N LEU B 391 -4.83 -10.37 37.03
CA LEU B 391 -4.65 -11.74 36.58
C LEU B 391 -3.42 -11.81 35.70
N VAL B 392 -2.53 -12.73 36.05
CA VAL B 392 -1.29 -12.98 35.33
C VAL B 392 -1.40 -14.33 34.63
N GLY B 393 -0.68 -14.44 33.53
CA GLY B 393 -0.72 -15.66 32.74
C GLY B 393 0.29 -15.57 31.63
N ARG B 394 0.64 -16.73 31.09
CA ARG B 394 1.61 -16.81 30.01
C ARG B 394 1.08 -16.04 28.80
N SER B 395 2.02 -15.48 28.03
CA SER B 395 1.66 -14.48 27.02
C SER B 395 0.50 -14.93 26.15
N GLY B 396 0.52 -16.19 25.70
CA GLY B 396 -0.52 -16.67 24.81
C GLY B 396 -1.77 -17.16 25.49
N SER B 397 -1.72 -17.37 26.80
CA SER B 397 -2.83 -17.96 27.54
C SER B 397 -4.13 -17.18 27.33
N GLY B 398 -5.22 -17.70 27.89
CA GLY B 398 -6.53 -17.08 27.76
C GLY B 398 -6.76 -15.97 28.77
N LYS B 399 -5.69 -15.34 29.25
CA LYS B 399 -5.84 -14.23 30.18
C LYS B 399 -6.54 -13.06 29.53
N SER B 400 -6.14 -12.71 28.30
CA SER B 400 -6.82 -11.63 27.56
C SER B 400 -8.23 -12.03 27.17
N THR B 401 -8.47 -13.33 26.98
CA THR B 401 -9.80 -13.81 26.62
C THR B 401 -10.83 -13.46 27.69
N ILE B 402 -10.42 -13.46 28.96
CA ILE B 402 -11.34 -13.13 30.05
C ILE B 402 -11.86 -11.70 29.89
N ALA B 403 -10.94 -10.74 29.84
CA ALA B 403 -11.31 -9.35 29.66
C ALA B 403 -12.09 -9.14 28.37
N SER B 404 -11.79 -9.93 27.34
CA SER B 404 -12.58 -9.85 26.12
C SER B 404 -14.00 -10.35 26.36
N LEU B 405 -14.16 -11.33 27.25
CA LEU B 405 -15.50 -11.88 27.49
C LEU B 405 -16.36 -10.90 28.28
N ILE B 406 -15.77 -10.21 29.26
CA ILE B 406 -16.57 -9.33 30.11
C ILE B 406 -17.32 -8.31 29.25
N THR B 407 -16.62 -7.70 28.30
CA THR B 407 -17.25 -6.72 27.41
C THR B 407 -18.13 -7.38 26.35
N ARG B 408 -18.24 -8.71 26.34
CA ARG B 408 -19.14 -9.44 25.45
C ARG B 408 -18.74 -9.31 23.98
N PHE B 409 -17.45 -9.13 23.69
CA PHE B 409 -17.00 -9.24 22.31
C PHE B 409 -17.34 -10.60 21.72
N TYR B 410 -17.39 -11.64 22.54
CA TYR B 410 -17.89 -12.95 22.14
C TYR B 410 -18.82 -13.49 23.23
N ASP B 411 -19.84 -14.23 22.82
CA ASP B 411 -20.69 -14.94 23.77
C ASP B 411 -20.12 -16.31 24.08
N ILE B 412 -20.42 -16.82 25.28
CA ILE B 412 -19.79 -18.03 25.78
C ILE B 412 -20.57 -19.27 25.36
N ASP B 413 -20.02 -20.44 25.64
CA ASP B 413 -20.62 -21.72 25.30
C ASP B 413 -21.28 -22.40 26.49
N GLU B 414 -20.67 -22.26 27.66
CA GLU B 414 -21.22 -22.82 28.89
C GLU B 414 -20.81 -21.92 30.05
N GLY B 415 -21.64 -21.90 31.08
CA GLY B 415 -21.39 -21.08 32.23
C GLY B 415 -22.27 -19.85 32.29
N GLU B 416 -21.78 -18.83 33.01
CA GLU B 416 -22.57 -17.63 33.23
C GLU B 416 -21.73 -16.50 33.80
N ILE B 417 -21.74 -15.31 33.18
CA ILE B 417 -21.02 -14.15 33.69
C ILE B 417 -22.05 -13.15 34.20
N LEU B 418 -21.96 -12.85 35.50
CA LEU B 418 -22.89 -11.96 36.17
C LEU B 418 -22.22 -10.63 36.44
N MET B 419 -22.82 -9.55 35.96
CA MET B 419 -22.47 -8.19 36.38
C MET B 419 -23.62 -7.64 37.19
N ASP B 420 -23.37 -7.40 38.49
CA ASP B 420 -24.43 -7.06 39.44
C ASP B 420 -25.41 -8.23 39.56
N GLY B 421 -24.88 -9.46 39.51
CA GLY B 421 -25.70 -10.63 39.73
C GLY B 421 -26.71 -10.93 38.63
N HIS B 422 -26.54 -10.35 37.45
CA HIS B 422 -27.39 -10.61 36.30
C HIS B 422 -26.53 -10.85 35.07
N ASP B 423 -26.92 -11.85 34.28
CA ASP B 423 -26.11 -12.29 33.15
C ASP B 423 -25.80 -11.14 32.22
N LEU B 424 -24.53 -11.04 31.82
CA LEU B 424 -24.13 -10.00 30.87
C LEU B 424 -25.07 -9.96 29.68
N ARG B 425 -25.54 -11.14 29.25
CA ARG B 425 -26.42 -11.20 28.09
C ARG B 425 -27.81 -10.66 28.39
N GLU B 426 -28.18 -10.56 29.67
CA GLU B 426 -29.45 -9.93 30.01
C GLU B 426 -29.46 -8.46 29.60
N TYR B 427 -28.31 -7.80 29.61
CA TYR B 427 -28.25 -6.37 29.35
C TYR B 427 -28.17 -6.09 27.85
N THR B 428 -28.68 -4.92 27.46
CA THR B 428 -28.38 -4.36 26.16
C THR B 428 -26.90 -4.01 26.09
N LEU B 429 -26.27 -4.25 24.93
CA LEU B 429 -24.82 -4.16 24.84
C LEU B 429 -24.33 -2.74 25.08
N ALA B 430 -25.09 -1.73 24.64
CA ALA B 430 -24.68 -0.34 24.86
C ALA B 430 -24.51 -0.05 26.35
N SER B 431 -25.51 -0.41 27.16
CA SER B 431 -25.42 -0.17 28.60
C SER B 431 -24.25 -0.96 29.19
N LEU B 432 -24.15 -2.24 28.85
CA LEU B 432 -23.08 -3.07 29.40
C LEU B 432 -21.71 -2.46 29.13
N ARG B 433 -21.50 -1.96 27.92
CA ARG B 433 -20.19 -1.41 27.54
C ARG B 433 -19.99 0.01 28.06
N ASN B 434 -21.06 0.70 28.41
CA ASN B 434 -20.90 1.97 29.11
C ASN B 434 -20.23 1.79 30.46
N GLN B 435 -20.35 0.59 31.05
CA GLN B 435 -19.78 0.33 32.37
C GLN B 435 -18.31 -0.04 32.33
N VAL B 436 -17.80 -0.43 31.17
CA VAL B 436 -16.40 -0.84 31.01
C VAL B 436 -15.64 0.26 30.29
N ALA B 437 -14.43 0.52 30.75
CA ALA B 437 -13.50 1.40 30.05
C ALA B 437 -12.21 0.63 29.78
N LEU B 438 -11.72 0.71 28.54
CA LEU B 438 -10.52 0.01 28.12
C LEU B 438 -9.34 0.98 28.12
N VAL B 439 -8.21 0.51 28.66
CA VAL B 439 -6.97 1.28 28.60
C VAL B 439 -5.89 0.36 28.08
N SER B 440 -5.31 0.72 26.94
CA SER B 440 -4.25 -0.08 26.33
C SER B 440 -3.38 0.85 25.50
N GLN B 441 -2.07 0.59 25.51
CA GLN B 441 -1.15 1.37 24.67
C GLN B 441 -1.70 1.48 23.27
N ASN B 442 -2.11 0.37 22.69
CA ASN B 442 -2.55 0.34 21.30
C ASN B 442 -3.90 0.99 21.07
N VAL B 443 -4.56 1.48 22.12
CA VAL B 443 -5.85 2.14 21.93
C VAL B 443 -5.75 3.09 20.76
N HIS B 444 -6.69 3.00 19.83
CA HIS B 444 -6.58 3.81 18.63
C HIS B 444 -7.00 5.24 18.91
N LEU B 445 -6.16 6.16 18.46
CA LEU B 445 -6.42 7.59 18.55
C LEU B 445 -6.98 8.08 17.23
N PHE B 446 -8.21 8.56 17.25
CA PHE B 446 -8.94 8.89 16.05
C PHE B 446 -8.61 10.30 15.61
N ASN B 447 -8.46 10.49 14.30
CA ASN B 447 -7.97 11.75 13.78
C ASN B 447 -8.85 12.91 14.25
N ASP B 448 -8.44 13.57 15.33
CA ASP B 448 -9.17 14.71 15.87
C ASP B 448 -8.31 15.33 16.96
N THR B 449 -8.86 16.34 17.63
CA THR B 449 -8.18 16.99 18.73
C THR B 449 -7.83 16.01 19.83
N VAL B 450 -6.73 16.31 20.54
CA VAL B 450 -6.40 15.62 21.79
C VAL B 450 -7.62 15.60 22.70
N ALA B 451 -8.13 16.80 23.02
CA ALA B 451 -9.31 16.94 23.84
C ALA B 451 -10.45 16.06 23.36
N ASN B 452 -10.71 16.07 22.05
CA ASN B 452 -11.84 15.30 21.53
C ASN B 452 -11.58 13.80 21.61
N ASN B 453 -10.32 13.38 21.51
CA ASN B 453 -10.01 11.98 21.74
C ASN B 453 -10.27 11.59 23.19
N ILE B 454 -10.01 12.50 24.14
CA ILE B 454 -10.21 12.18 25.54
C ILE B 454 -11.70 12.06 25.86
N ALA B 455 -12.52 12.96 25.29
CA ALA B 455 -13.96 12.90 25.47
C ALA B 455 -14.64 12.14 24.35
N TYR B 456 -14.01 11.08 23.85
CA TYR B 456 -14.48 10.37 22.67
C TYR B 456 -15.93 9.93 22.84
N ALA B 457 -16.73 10.21 21.82
CA ALA B 457 -18.13 9.81 21.77
C ALA B 457 -18.96 10.46 22.87
N ARG B 458 -18.39 11.45 23.57
CA ARG B 458 -19.10 12.20 24.57
C ARG B 458 -18.50 13.60 24.66
N THR B 459 -18.18 14.17 23.50
CA THR B 459 -17.52 15.48 23.48
C THR B 459 -18.38 16.56 24.11
N GLU B 460 -19.68 16.56 23.81
CA GLU B 460 -20.58 17.57 24.35
C GLU B 460 -20.79 17.43 25.85
N GLN B 461 -20.75 16.19 26.36
CA GLN B 461 -21.15 15.96 27.75
C GLN B 461 -20.22 16.68 28.72
N TYR B 462 -18.93 16.60 28.52
CA TYR B 462 -17.95 17.06 29.49
C TYR B 462 -17.43 18.45 29.13
N SER B 463 -17.36 19.31 30.14
CA SER B 463 -16.77 20.64 29.95
C SER B 463 -15.26 20.54 29.81
N ARG B 464 -14.69 21.51 29.09
CA ARG B 464 -13.25 21.49 28.86
C ARG B 464 -12.46 21.57 30.15
N GLU B 465 -13.06 22.08 31.22
CA GLU B 465 -12.39 22.01 32.52
C GLU B 465 -12.29 20.57 32.99
N GLN B 466 -13.40 19.83 32.91
CA GLN B 466 -13.36 18.40 33.20
C GLN B 466 -12.29 17.69 32.36
N ILE B 467 -12.26 17.99 31.07
CA ILE B 467 -11.27 17.39 30.17
C ILE B 467 -9.85 17.70 30.62
N GLU B 468 -9.55 18.99 30.79
CA GLU B 468 -8.20 19.42 31.11
C GLU B 468 -7.73 18.81 32.43
N GLU B 469 -8.60 18.77 33.42
CA GLU B 469 -8.26 18.11 34.68
C GLU B 469 -7.94 16.65 34.44
N ALA B 470 -8.79 15.95 33.68
CA ALA B 470 -8.49 14.56 33.34
C ALA B 470 -7.13 14.44 32.65
N ALA B 471 -6.73 15.47 31.92
CA ALA B 471 -5.46 15.41 31.19
C ALA B 471 -4.27 15.47 32.12
N ARG B 472 -4.28 16.41 33.07
CA ARG B 472 -3.14 16.49 34.00
C ARG B 472 -3.15 15.32 34.98
N MET B 473 -4.34 14.92 35.44
CA MET B 473 -4.43 13.77 36.35
C MET B 473 -3.82 12.51 35.75
N ALA B 474 -3.67 12.46 34.42
CA ALA B 474 -3.05 11.34 33.74
C ALA B 474 -1.58 11.58 33.43
N TYR B 475 -1.01 12.70 33.87
CA TYR B 475 0.37 13.06 33.57
C TYR B 475 0.62 13.18 32.08
N ALA B 476 -0.44 13.29 31.28
CA ALA B 476 -0.29 13.49 29.86
C ALA B 476 0.02 14.94 29.50
N MET B 477 -0.16 15.87 30.44
CA MET B 477 0.07 17.28 30.15
C MET B 477 1.54 17.59 29.93
N ASP B 478 2.44 16.84 30.57
CA ASP B 478 3.87 17.09 30.44
C ASP B 478 4.31 17.19 28.98
N PHE B 479 3.61 16.51 28.06
CA PHE B 479 3.94 16.54 26.64
C PHE B 479 2.89 17.26 25.80
N ILE B 480 1.69 17.53 26.33
CA ILE B 480 0.66 18.19 25.52
C ILE B 480 1.01 19.66 25.30
N ASN B 481 1.39 20.37 26.37
CA ASN B 481 1.72 21.78 26.20
C ASN B 481 2.89 21.98 25.26
N LYS B 482 3.80 21.00 25.20
CA LYS B 482 4.87 21.04 24.19
C LYS B 482 4.29 21.08 22.79
N MET B 483 3.10 20.52 22.58
CA MET B 483 2.45 20.61 21.27
C MET B 483 2.14 22.06 20.94
N ASP B 484 1.91 22.31 19.65
CA ASP B 484 1.84 23.69 19.19
C ASP B 484 0.56 24.38 19.66
N ASN B 485 -0.57 23.69 19.60
CA ASN B 485 -1.83 24.21 20.13
C ASN B 485 -2.27 23.50 21.40
N GLY B 486 -1.38 22.69 21.98
CA GLY B 486 -1.70 22.02 23.24
C GLY B 486 -2.90 21.10 23.10
N LEU B 487 -3.95 21.39 23.87
CA LEU B 487 -5.11 20.52 23.93
C LEU B 487 -6.01 20.62 22.71
N ASP B 488 -5.88 21.67 21.91
CA ASP B 488 -6.63 21.78 20.67
C ASP B 488 -5.81 21.36 19.46
N THR B 489 -4.55 20.95 19.65
CA THR B 489 -3.77 20.35 18.58
C THR B 489 -4.45 19.06 18.14
N VAL B 490 -4.54 18.85 16.82
CA VAL B 490 -5.25 17.71 16.28
C VAL B 490 -4.26 16.61 15.93
N ILE B 491 -4.57 15.40 16.36
CA ILE B 491 -3.84 14.21 15.95
C ILE B 491 -4.07 14.02 14.45
N GLY B 492 -3.09 14.40 13.66
CA GLY B 492 -3.24 14.54 12.21
C GLY B 492 -2.52 13.47 11.46
N GLU B 493 -3.14 12.99 10.37
CA GLU B 493 -2.56 11.99 9.48
C GLU B 493 -2.48 10.62 10.15
N ASN B 494 -3.64 10.12 10.61
CA ASN B 494 -3.78 8.75 11.11
C ASN B 494 -3.05 8.51 12.43
N GLY B 495 -2.69 9.56 13.16
CA GLY B 495 -1.97 9.40 14.41
C GLY B 495 -0.47 9.54 14.33
N VAL B 496 0.06 10.30 13.36
CA VAL B 496 1.49 10.36 13.12
C VAL B 496 2.26 11.09 14.21
N LEU B 497 1.57 11.77 15.13
CA LEU B 497 2.27 12.63 16.08
C LEU B 497 2.76 11.86 17.30
N LEU B 498 1.92 10.99 17.86
CA LEU B 498 2.13 10.57 19.24
C LEU B 498 3.08 9.39 19.35
N SER B 499 3.62 9.23 20.55
CA SER B 499 4.49 8.12 20.92
C SER B 499 3.67 6.97 21.46
N GLY B 500 4.27 5.78 21.44
CA GLY B 500 3.66 4.65 22.12
C GLY B 500 3.25 4.99 23.53
N GLY B 501 4.16 5.55 24.32
CA GLY B 501 3.88 5.88 25.70
C GLY B 501 2.91 7.02 25.89
N GLN B 502 2.78 7.90 24.89
CA GLN B 502 1.85 9.03 25.00
C GLN B 502 0.40 8.56 24.87
N ARG B 503 0.15 7.68 23.88
CA ARG B 503 -1.18 7.12 23.70
C ARG B 503 -1.72 6.55 24.99
N GLN B 504 -0.86 5.95 25.80
CA GLN B 504 -1.32 5.24 26.99
C GLN B 504 -1.87 6.22 28.02
N ARG B 505 -1.14 7.32 28.26
CA ARG B 505 -1.65 8.34 29.17
C ARG B 505 -2.92 8.99 28.63
N ILE B 506 -3.04 9.10 27.31
CA ILE B 506 -4.28 9.64 26.76
C ILE B 506 -5.44 8.67 26.99
N ALA B 507 -5.19 7.36 26.85
CA ALA B 507 -6.21 6.37 27.15
C ALA B 507 -6.64 6.44 28.60
N ILE B 508 -5.67 6.58 29.50
CA ILE B 508 -5.98 6.71 30.92
C ILE B 508 -6.85 7.94 31.14
N ALA B 509 -6.51 9.05 30.49
CA ALA B 509 -7.32 10.25 30.63
C ALA B 509 -8.75 10.00 30.16
N ARG B 510 -8.91 9.29 29.05
CA ARG B 510 -10.24 8.99 28.52
C ARG B 510 -11.07 8.20 29.53
N ALA B 511 -10.50 7.12 30.06
CA ALA B 511 -11.22 6.32 31.05
C ALA B 511 -11.50 7.12 32.31
N LEU B 512 -10.52 7.89 32.79
CA LEU B 512 -10.70 8.72 33.97
C LEU B 512 -11.88 9.67 33.79
N LEU B 513 -11.85 10.47 32.74
CA LEU B 513 -12.92 11.43 32.50
C LEU B 513 -14.27 10.74 32.43
N ARG B 514 -14.36 9.66 31.64
CA ARG B 514 -15.62 8.94 31.57
C ARG B 514 -16.00 8.35 32.93
N ASP B 515 -15.02 8.02 33.75
CA ASP B 515 -15.26 7.54 35.12
C ASP B 515 -16.15 6.29 35.09
N SER B 516 -15.59 5.24 34.51
CA SER B 516 -16.38 4.03 34.32
C SER B 516 -16.22 3.07 35.49
N PRO B 517 -17.31 2.41 35.92
CA PRO B 517 -17.20 1.54 37.10
C PRO B 517 -16.20 0.40 36.94
N ILE B 518 -16.18 -0.25 35.78
CA ILE B 518 -15.32 -1.41 35.53
C ILE B 518 -14.18 -0.96 34.64
N LEU B 519 -12.95 -1.16 35.13
CA LEU B 519 -11.75 -0.81 34.40
C LEU B 519 -11.10 -2.07 33.87
N ILE B 520 -10.95 -2.15 32.55
CA ILE B 520 -10.16 -3.19 31.92
C ILE B 520 -8.87 -2.55 31.42
N LEU B 521 -7.75 -3.03 31.97
CA LEU B 521 -6.43 -2.46 31.74
C LEU B 521 -5.55 -3.50 31.07
N ASP B 522 -5.30 -3.30 29.78
CA ASP B 522 -4.45 -4.21 29.01
C ASP B 522 -3.00 -3.73 29.11
N GLU B 523 -2.16 -4.55 29.73
CA GLU B 523 -0.74 -4.23 29.87
C GLU B 523 0.16 -5.15 29.06
N ALA B 524 -0.40 -6.09 28.30
CA ALA B 524 0.41 -6.92 27.42
C ALA B 524 0.92 -6.13 26.22
N THR B 525 0.18 -5.12 25.80
CA THR B 525 0.55 -4.28 24.66
C THR B 525 1.20 -2.98 25.11
N SER B 526 1.62 -2.90 26.37
CA SER B 526 1.89 -1.61 27.01
C SER B 526 3.15 -0.95 26.47
N ALA B 527 4.18 -1.74 26.13
CA ALA B 527 5.49 -1.17 25.82
C ALA B 527 5.99 -0.37 27.01
N LEU B 528 6.57 -1.07 27.99
CA LEU B 528 6.85 -0.46 29.29
C LEU B 528 8.05 0.47 29.25
N ASP B 529 9.11 0.10 28.54
CA ASP B 529 10.34 0.90 28.51
C ASP B 529 10.05 2.21 27.80
N THR B 530 9.87 3.28 28.58
CA THR B 530 9.52 4.59 28.05
C THR B 530 10.37 5.66 28.72
N GLU B 531 10.22 6.89 28.22
CA GLU B 531 10.99 8.01 28.74
C GLU B 531 10.48 8.43 30.12
N SER B 532 9.15 8.34 30.35
CA SER B 532 8.54 8.73 31.62
C SER B 532 7.51 7.66 31.99
N GLU B 533 7.98 6.60 32.64
CA GLU B 533 7.11 5.52 33.07
C GLU B 533 6.55 5.73 34.48
N ARG B 534 7.29 6.44 35.34
CA ARG B 534 6.76 6.75 36.68
C ARG B 534 5.45 7.53 36.57
N ALA B 535 5.35 8.41 35.57
CA ALA B 535 4.12 9.15 35.33
C ALA B 535 2.96 8.20 35.05
N ILE B 536 3.15 7.29 34.09
CA ILE B 536 2.10 6.32 33.76
C ILE B 536 1.73 5.49 34.98
N GLN B 537 2.73 5.09 35.77
CA GLN B 537 2.47 4.26 36.94
C GLN B 537 1.58 4.99 37.94
N ALA B 538 1.89 6.26 38.22
CA ALA B 538 1.06 7.02 39.15
C ALA B 538 -0.33 7.28 38.57
N ALA B 539 -0.43 7.48 37.25
CA ALA B 539 -1.74 7.60 36.62
C ALA B 539 -2.58 6.36 36.88
N LEU B 540 -1.99 5.18 36.65
CA LEU B 540 -2.69 3.94 36.95
C LEU B 540 -3.05 3.85 38.43
N ASP B 541 -2.11 4.23 39.30
CA ASP B 541 -2.40 4.26 40.73
C ASP B 541 -3.68 5.02 41.01
N GLU B 542 -3.81 6.21 40.42
CA GLU B 542 -5.01 7.01 40.63
C GLU B 542 -6.24 6.34 40.04
N LEU B 543 -6.12 5.79 38.83
CA LEU B 543 -7.28 5.26 38.12
C LEU B 543 -7.83 4.02 38.83
N GLN B 544 -6.97 3.05 39.10
CA GLN B 544 -7.38 1.80 39.72
C GLN B 544 -8.04 2.00 41.08
N LYS B 545 -7.80 3.14 41.72
CA LYS B 545 -8.27 3.32 43.08
C LYS B 545 -9.80 3.46 43.11
N ASN B 546 -10.39 2.98 44.20
CA ASN B 546 -11.84 3.00 44.43
C ASN B 546 -12.62 2.67 43.17
N ARG B 547 -12.20 1.61 42.48
CA ARG B 547 -12.81 1.25 41.21
C ARG B 547 -12.48 -0.19 40.86
N THR B 548 -13.49 -0.93 40.41
CA THR B 548 -13.27 -2.27 39.92
C THR B 548 -12.29 -2.23 38.76
N SER B 549 -11.24 -3.04 38.83
CA SER B 549 -10.23 -3.08 37.77
C SER B 549 -9.86 -4.52 37.49
N LEU B 550 -9.88 -4.88 36.21
CA LEU B 550 -9.48 -6.20 35.75
C LEU B 550 -8.35 -6.00 34.75
N VAL B 551 -7.13 -6.32 35.18
CA VAL B 551 -5.91 -5.93 34.45
C VAL B 551 -5.17 -7.20 34.04
N ILE B 552 -4.92 -7.33 32.73
CA ILE B 552 -3.97 -8.31 32.22
C ILE B 552 -2.57 -7.77 32.50
N ALA B 553 -2.03 -8.12 33.67
CA ALA B 553 -0.89 -7.42 34.22
C ALA B 553 0.44 -7.99 33.74
N HIS B 554 1.35 -7.09 33.38
CA HIS B 554 2.76 -7.40 33.19
C HIS B 554 3.67 -6.64 34.15
N ARG B 555 3.22 -5.51 34.69
CA ARG B 555 4.05 -4.68 35.55
C ARG B 555 4.11 -5.25 36.97
N LEU B 556 5.28 -5.13 37.59
CA LEU B 556 5.43 -5.57 38.97
C LEU B 556 4.64 -4.69 39.93
N SER B 557 4.57 -3.39 39.67
CA SER B 557 3.97 -2.45 40.61
C SER B 557 2.45 -2.59 40.65
N THR B 558 1.80 -2.63 39.48
CA THR B 558 0.36 -2.85 39.45
C THR B 558 -0.01 -4.23 39.96
N ILE B 559 0.93 -5.17 39.98
CA ILE B 559 0.68 -6.50 40.54
C ILE B 559 0.70 -6.46 42.05
N GLU B 560 1.84 -6.05 42.63
CA GLU B 560 2.01 -6.20 44.07
C GLU B 560 0.99 -5.37 44.86
N LYS B 561 0.58 -4.22 44.33
CA LYS B 561 -0.48 -3.41 44.94
C LYS B 561 -1.80 -3.64 44.22
N ALA B 562 -2.21 -4.89 44.20
CA ALA B 562 -3.49 -5.31 43.65
C ALA B 562 -4.17 -6.23 44.66
N ASP B 563 -5.50 -6.24 44.61
CA ASP B 563 -6.26 -6.88 45.67
C ASP B 563 -6.17 -8.40 45.61
N GLU B 564 -6.33 -8.98 44.42
CA GLU B 564 -6.15 -10.42 44.26
C GLU B 564 -5.37 -10.71 42.99
N ILE B 565 -4.44 -11.65 43.09
CA ILE B 565 -3.67 -12.14 41.96
C ILE B 565 -4.26 -13.46 41.50
N VAL B 566 -4.40 -13.64 40.19
CA VAL B 566 -5.01 -14.85 39.64
C VAL B 566 -4.17 -15.37 38.49
N VAL B 567 -3.71 -16.61 38.59
CA VAL B 567 -2.85 -17.23 37.59
C VAL B 567 -3.72 -18.04 36.64
N VAL B 568 -3.48 -17.90 35.34
CA VAL B 568 -4.17 -18.72 34.33
C VAL B 568 -3.15 -19.53 33.58
N GLU B 569 -3.38 -20.85 33.50
CA GLU B 569 -2.55 -21.77 32.73
C GLU B 569 -3.44 -22.44 31.69
N ASP B 570 -3.19 -22.14 30.42
CA ASP B 570 -3.98 -22.67 29.31
C ASP B 570 -5.43 -22.24 29.54
N GLY B 571 -6.37 -23.17 29.69
CA GLY B 571 -7.77 -22.81 29.83
C GLY B 571 -8.28 -22.78 31.25
N VAL B 572 -7.41 -22.90 32.25
CA VAL B 572 -7.84 -23.09 33.63
C VAL B 572 -7.06 -22.13 34.53
N ILE B 573 -7.58 -21.96 35.75
CA ILE B 573 -6.91 -21.23 36.80
C ILE B 573 -6.20 -22.25 37.70
N VAL B 574 -4.91 -22.03 37.95
CA VAL B 574 -4.12 -22.99 38.71
C VAL B 574 -4.05 -22.60 40.18
N GLU B 575 -3.86 -21.32 40.50
CA GLU B 575 -3.81 -20.94 41.90
C GLU B 575 -3.95 -19.43 42.02
N ARG B 576 -4.43 -19.00 43.18
CA ARG B 576 -4.74 -17.60 43.47
C ARG B 576 -4.06 -17.20 44.76
N GLY B 577 -4.05 -15.90 45.06
CA GLY B 577 -3.41 -15.44 46.28
C GLY B 577 -3.49 -13.95 46.57
N THR B 578 -3.71 -13.62 47.85
CA THR B 578 -3.85 -12.24 48.29
C THR B 578 -2.49 -11.66 48.71
N HIS B 579 -2.38 -11.13 49.94
CA HIS B 579 -1.14 -10.52 50.42
C HIS B 579 -0.34 -11.40 51.38
N ASN B 580 -1.00 -12.21 52.20
CA ASN B 580 -0.29 -13.26 52.95
C ASN B 580 -0.02 -14.48 52.09
N ASP B 581 -0.68 -14.60 50.93
CA ASP B 581 -0.41 -15.66 49.97
C ASP B 581 0.49 -15.19 48.83
N LEU B 582 0.51 -13.88 48.52
CA LEU B 582 1.52 -13.34 47.63
C LEU B 582 2.92 -13.65 48.12
N LEU B 583 3.07 -13.86 49.43
CA LEU B 583 4.37 -14.25 49.98
C LEU B 583 4.81 -15.60 49.42
N GLU B 584 3.91 -16.58 49.41
CA GLU B 584 4.19 -17.86 48.78
C GLU B 584 2.95 -18.36 48.07
N HIS B 585 3.09 -18.72 46.81
CA HIS B 585 2.03 -19.34 46.04
C HIS B 585 2.31 -20.82 45.85
N ARG B 586 1.26 -21.64 45.96
CA ARG B 586 1.43 -23.08 45.83
C ARG B 586 1.85 -23.47 44.42
N GLY B 587 1.30 -22.80 43.41
CA GLY B 587 1.49 -23.22 42.04
C GLY B 587 2.68 -22.62 41.31
N VAL B 588 2.39 -21.73 40.36
CA VAL B 588 3.35 -21.32 39.34
C VAL B 588 3.98 -19.96 39.64
N TYR B 589 3.44 -19.19 40.59
CA TYR B 589 3.79 -17.78 40.66
C TYR B 589 5.29 -17.55 40.83
N ALA B 590 6.00 -18.44 41.54
CA ALA B 590 7.43 -18.23 41.75
C ALA B 590 8.16 -18.04 40.43
N GLN B 591 8.11 -19.04 39.57
CA GLN B 591 8.83 -18.98 38.30
C GLN B 591 8.30 -17.86 37.41
N LEU B 592 6.98 -17.66 37.39
CA LEU B 592 6.39 -16.63 36.54
C LEU B 592 6.91 -15.25 36.92
N HIS B 593 6.86 -14.92 38.22
CA HIS B 593 7.40 -13.65 38.69
C HIS B 593 8.91 -13.56 38.46
N LYS B 594 9.61 -14.70 38.58
CA LYS B 594 11.05 -14.72 38.35
C LYS B 594 11.41 -14.40 36.90
N MET B 595 10.55 -14.77 35.96
CA MET B 595 10.84 -14.55 34.55
C MET B 595 10.72 -13.07 34.18
N GLN B 596 9.61 -12.45 34.54
CA GLN B 596 9.35 -11.06 34.14
C GLN B 596 10.14 -10.07 34.99
#